data_4LY4
#
_entry.id   4LY4
#
_cell.length_a   113.640
_cell.length_b   153.930
_cell.length_c   153.880
_cell.angle_alpha   90.00
_cell.angle_beta   90.00
_cell.angle_gamma   90.00
#
_symmetry.space_group_name_H-M   'I 2 2 2'
#
loop_
_entity.id
_entity.type
_entity.pdbx_description
1 polymer 'peptidoglycan deacetylase'
2 non-polymer 'ZINC ION'
3 water water
#
_entity_poly.entity_id   1
_entity_poly.type   'polypeptide(L)'
_entity_poly.pdbx_seq_one_letter_code
;MHHHHHHGKPIPNPLLGLDSTENLYFQGIDPFTMAKEILVAYGVDIDAVAGWLGSYGGEDSPDDISRGLFAGEVGIPRLL
KLFKKYHLPATWFVPGHSIETFPEQMKMIVDAGHEVGAHGYSHENPIAMSTKQEEDVLLKSVELIKDLTGKAPTGYVAPW
WEFSNITNELLLKHGFKYDHSLMHNDFTPYYVRVGDSWSKIDYSLEAKDWMKPLIRGVETNLVEIPANWYLDDLPPMMFI
KKSPNSFGFVSPRDIGQMWIDQFDWVYREMDYAVFSMTIHPDVSARPQVLLMHEKIIEHINKHEGVRWVTFNEIADDFLK
RNPRKK
;
_entity_poly.pdbx_strand_id   A,B,C,D
#
loop_
_chem_comp.id
_chem_comp.type
_chem_comp.name
_chem_comp.formula
ZN non-polymer 'ZINC ION' 'Zn 2'
#
# COMPACT_ATOMS: atom_id res chain seq x y z
N ALA A 35 32.51 18.87 18.67
CA ALA A 35 31.65 18.45 19.77
C ALA A 35 30.24 18.06 19.31
N LYS A 36 29.82 16.87 19.70
CA LYS A 36 28.55 16.30 19.27
C LYS A 36 27.58 16.21 20.43
N GLU A 37 26.43 16.86 20.29
CA GLU A 37 25.40 16.88 21.32
C GLU A 37 24.08 16.37 20.73
N ILE A 38 23.92 15.05 20.72
CA ILE A 38 22.72 14.43 20.16
C ILE A 38 21.71 14.08 21.24
N LEU A 39 20.62 14.83 21.29
CA LEU A 39 19.57 14.57 22.28
C LEU A 39 18.56 13.59 21.70
N VAL A 40 18.33 12.47 22.40
CA VAL A 40 17.51 11.39 21.85
C VAL A 40 16.40 10.98 22.80
N ALA A 41 15.17 10.94 22.29
CA ALA A 41 14.03 10.68 23.15
C ALA A 41 13.02 9.77 22.49
N TYR A 42 12.34 8.96 23.30
CA TYR A 42 11.13 8.27 22.88
C TYR A 42 9.92 9.04 23.36
N GLY A 43 8.97 9.27 22.45
CA GLY A 43 7.68 9.85 22.78
C GLY A 43 6.59 8.82 22.59
N VAL A 44 5.95 8.43 23.69
CA VAL A 44 4.93 7.39 23.63
C VAL A 44 3.52 7.97 23.68
N ASP A 45 2.83 7.91 22.54
CA ASP A 45 1.44 8.35 22.53
C ASP A 45 0.52 7.17 22.86
N ILE A 46 -0.06 7.20 24.06
CA ILE A 46 -0.88 6.10 24.54
C ILE A 46 -2.27 6.18 23.91
N ASP A 47 -2.36 5.86 22.63
CA ASP A 47 -3.63 6.00 21.92
C ASP A 47 -4.69 5.00 22.45
N ALA A 48 -4.30 3.72 22.55
CA ALA A 48 -5.13 2.71 23.19
C ALA A 48 -6.59 2.77 22.74
N VAL A 49 -7.52 2.77 23.70
CA VAL A 49 -8.92 2.79 23.30
C VAL A 49 -9.32 4.15 22.73
N ALA A 50 -8.77 5.23 23.29
CA ALA A 50 -9.06 6.59 22.86
C ALA A 50 -8.78 6.77 21.37
N GLY A 51 -7.62 6.27 20.91
CA GLY A 51 -7.26 6.30 19.51
C GLY A 51 -8.36 5.75 18.61
N TRP A 52 -9.03 4.70 19.07
CA TRP A 52 -10.13 4.08 18.33
C TRP A 52 -11.45 4.86 18.38
N LEU A 53 -11.66 5.64 19.44
CA LEU A 53 -12.87 6.46 19.50
C LEU A 53 -12.76 7.72 18.65
N GLY A 54 -11.59 8.36 18.69
CA GLY A 54 -11.47 9.66 18.06
C GLY A 54 -10.94 9.70 16.64
N SER A 55 -10.03 8.78 16.33
CA SER A 55 -9.22 8.92 15.13
C SER A 55 -9.35 7.73 14.15
N TYR A 56 -9.36 6.52 14.66
CA TYR A 56 -9.17 5.37 13.78
C TYR A 56 -10.45 4.58 13.48
N GLY A 57 -11.60 5.17 13.82
CA GLY A 57 -12.91 4.62 13.44
C GLY A 57 -13.33 3.32 14.11
N GLY A 58 -12.86 3.08 15.33
CA GLY A 58 -13.16 1.82 15.99
C GLY A 58 -14.28 1.92 16.99
N GLU A 59 -15.05 3.00 16.92
CA GLU A 59 -16.01 3.30 17.98
C GLU A 59 -17.11 2.24 18.09
N ASP A 60 -17.48 1.63 16.95
CA ASP A 60 -18.51 0.60 16.89
C ASP A 60 -17.94 -0.77 16.65
N SER A 61 -16.66 -0.95 16.98
CA SER A 61 -15.97 -2.23 16.82
C SER A 61 -15.39 -2.78 18.11
N PRO A 62 -16.04 -3.80 18.70
CA PRO A 62 -15.51 -4.56 19.84
C PRO A 62 -14.06 -5.05 19.64
N ASP A 63 -13.77 -5.52 18.43
CA ASP A 63 -12.45 -6.04 18.10
C ASP A 63 -11.39 -4.95 18.17
N ASP A 64 -11.70 -3.80 17.57
CA ASP A 64 -10.79 -2.66 17.62
C ASP A 64 -10.65 -2.18 19.06
N ILE A 65 -11.76 -2.17 19.79
CA ILE A 65 -11.72 -1.74 21.19
C ILE A 65 -10.80 -2.65 22.01
N SER A 66 -10.81 -3.94 21.69
CA SER A 66 -9.99 -4.96 22.35
C SER A 66 -8.50 -4.75 22.11
N ARG A 67 -8.15 -4.23 20.94
CA ARG A 67 -6.78 -3.82 20.67
C ARG A 67 -6.42 -2.55 21.45
N GLY A 68 -7.38 -1.65 21.60
CA GLY A 68 -7.12 -0.51 22.46
C GLY A 68 -6.75 -1.00 23.87
N LEU A 69 -7.44 -2.03 24.35
CA LEU A 69 -7.16 -2.54 25.69
C LEU A 69 -5.84 -3.29 25.76
N PHE A 70 -5.48 -3.99 24.68
CA PHE A 70 -4.17 -4.60 24.62
C PHE A 70 -3.09 -3.53 24.83
N ALA A 71 -3.28 -2.37 24.20
CA ALA A 71 -2.27 -1.33 24.21
C ALA A 71 -1.97 -0.85 25.61
N GLY A 72 -3.01 -0.77 26.45
CA GLY A 72 -2.86 -0.36 27.83
C GLY A 72 -2.42 -1.46 28.78
N GLU A 73 -3.17 -2.55 28.80
CA GLU A 73 -2.92 -3.57 29.79
C GLU A 73 -1.62 -4.36 29.46
N VAL A 74 -1.42 -4.69 28.19
CA VAL A 74 -0.24 -5.46 27.80
C VAL A 74 0.85 -4.56 27.26
N GLY A 75 0.49 -3.54 26.50
CA GLY A 75 1.48 -2.73 25.82
C GLY A 75 2.31 -1.78 26.68
N ILE A 76 1.67 -1.07 27.62
CA ILE A 76 2.44 -0.16 28.48
C ILE A 76 3.55 -0.86 29.29
N PRO A 77 3.23 -1.99 29.96
CA PRO A 77 4.31 -2.64 30.72
C PRO A 77 5.45 -3.21 29.87
N ARG A 78 5.19 -3.64 28.65
CA ARG A 78 6.25 -4.18 27.80
C ARG A 78 7.11 -3.01 27.36
N LEU A 79 6.51 -1.84 27.21
CA LEU A 79 7.30 -0.66 26.85
C LEU A 79 8.12 -0.17 28.04
N LEU A 80 7.59 -0.36 29.25
CA LEU A 80 8.35 0.00 30.44
C LEU A 80 9.53 -0.95 30.66
N LYS A 81 9.34 -2.25 30.43
CA LYS A 81 10.41 -3.23 30.54
C LYS A 81 11.50 -2.95 29.53
N LEU A 82 11.08 -2.66 28.30
CA LEU A 82 12.04 -2.31 27.25
C LEU A 82 12.88 -1.12 27.71
N PHE A 83 12.23 -0.06 28.19
CA PHE A 83 12.97 1.13 28.62
C PHE A 83 13.85 0.85 29.82
N LYS A 84 13.30 0.13 30.80
CA LYS A 84 14.02 -0.21 32.03
C LYS A 84 15.30 -0.98 31.71
N LYS A 85 15.20 -1.89 30.74
CA LYS A 85 16.33 -2.68 30.28
C LYS A 85 17.54 -1.83 29.85
N TYR A 86 17.29 -0.69 29.21
CA TYR A 86 18.40 0.15 28.75
C TYR A 86 18.51 1.42 29.61
N HIS A 87 17.79 1.42 30.72
CA HIS A 87 17.80 2.54 31.67
C HIS A 87 17.40 3.85 31.01
N LEU A 88 16.49 3.77 30.04
CA LEU A 88 16.09 4.94 29.29
C LEU A 88 14.98 5.72 29.99
N PRO A 89 15.09 7.06 29.95
CA PRO A 89 13.96 7.93 30.27
C PRO A 89 12.98 7.95 29.10
N ALA A 90 11.79 8.52 29.29
CA ALA A 90 10.85 8.71 28.19
C ALA A 90 9.74 9.69 28.59
N THR A 91 9.06 10.24 27.59
CA THR A 91 7.89 11.08 27.83
C THR A 91 6.64 10.38 27.28
N TRP A 92 5.62 10.27 28.12
CA TRP A 92 4.40 9.59 27.71
C TRP A 92 3.33 10.64 27.51
N PHE A 93 2.80 10.71 26.30
CA PHE A 93 1.70 11.63 26.04
C PHE A 93 0.41 10.83 26.18
N VAL A 94 -0.37 11.15 27.22
CA VAL A 94 -1.49 10.29 27.58
C VAL A 94 -2.83 10.96 27.50
N PRO A 95 -3.69 10.46 26.59
CA PRO A 95 -5.09 10.87 26.54
C PRO A 95 -5.75 10.69 27.89
N GLY A 96 -6.53 11.70 28.31
CA GLY A 96 -7.29 11.60 29.54
C GLY A 96 -8.09 10.31 29.65
N HIS A 97 -8.58 9.82 28.51
CA HIS A 97 -9.27 8.54 28.48
C HIS A 97 -8.39 7.37 28.99
N SER A 98 -7.17 7.29 28.47
CA SER A 98 -6.23 6.25 28.89
C SER A 98 -5.82 6.40 30.35
N ILE A 99 -5.69 7.64 30.84
CA ILE A 99 -5.34 7.83 32.24
C ILE A 99 -6.38 7.19 33.14
N GLU A 100 -7.67 7.44 32.87
CA GLU A 100 -8.74 6.90 33.72
C GLU A 100 -9.07 5.43 33.38
N THR A 101 -8.69 4.94 32.20
CA THR A 101 -9.04 3.55 31.82
C THR A 101 -7.94 2.56 32.20
N PHE A 102 -6.71 3.04 32.31
CA PHE A 102 -5.62 2.15 32.73
C PHE A 102 -4.90 2.68 33.96
N PRO A 103 -5.61 2.83 35.09
CA PRO A 103 -5.00 3.50 36.27
C PRO A 103 -3.79 2.77 36.83
N GLU A 104 -3.81 1.44 36.79
CA GLU A 104 -2.71 0.69 37.37
C GLU A 104 -1.44 0.86 36.54
N GLN A 105 -1.58 0.97 35.22
CA GLN A 105 -0.40 1.13 34.38
C GLN A 105 0.11 2.54 34.45
N MET A 106 -0.80 3.48 34.72
CA MET A 106 -0.42 4.87 34.91
C MET A 106 0.52 5.00 36.12
N LYS A 107 0.21 4.29 37.20
CA LYS A 107 1.07 4.27 38.40
C LYS A 107 2.45 3.73 38.07
N MET A 108 2.49 2.72 37.20
CA MET A 108 3.74 2.12 36.76
C MET A 108 4.56 3.14 35.98
N ILE A 109 3.89 3.99 35.22
CA ILE A 109 4.59 5.01 34.42
C ILE A 109 5.20 6.08 35.32
N VAL A 110 4.43 6.59 36.28
CA VAL A 110 4.92 7.63 37.17
C VAL A 110 6.08 7.11 38.03
N ASP A 111 5.90 5.95 38.63
CA ASP A 111 6.89 5.38 39.54
C ASP A 111 8.23 5.12 38.84
N ALA A 112 8.22 4.97 37.52
CA ALA A 112 9.50 4.76 36.81
C ALA A 112 10.25 6.07 36.65
N GLY A 113 9.60 7.18 37.00
CA GLY A 113 10.22 8.50 36.94
C GLY A 113 10.12 9.15 35.57
N HIS A 114 9.22 8.65 34.74
CA HIS A 114 9.03 9.16 33.39
C HIS A 114 8.11 10.38 33.35
N GLU A 115 8.18 11.13 32.26
CA GLU A 115 7.39 12.36 32.09
C GLU A 115 6.02 12.05 31.49
N VAL A 116 4.98 12.68 32.03
CA VAL A 116 3.65 12.50 31.48
C VAL A 116 3.24 13.81 30.86
N GLY A 117 2.91 13.77 29.57
CA GLY A 117 2.39 14.91 28.83
C GLY A 117 0.95 14.70 28.36
N ALA A 118 0.35 15.74 27.77
CA ALA A 118 -1.06 15.72 27.35
C ALA A 118 -1.27 15.18 25.93
N HIS A 119 -2.49 14.75 25.65
CA HIS A 119 -2.82 14.14 24.36
C HIS A 119 -4.33 13.95 24.18
N GLY A 120 -5.12 14.99 24.49
CA GLY A 120 -6.57 14.92 24.34
C GLY A 120 -7.22 14.11 25.45
N TYR A 121 -8.53 13.93 25.38
CA TYR A 121 -9.15 12.97 26.28
C TYR A 121 -9.35 11.69 25.50
N SER A 122 -10.28 11.71 24.56
CA SER A 122 -10.53 10.52 23.75
C SER A 122 -9.90 10.69 22.38
N HIS A 123 -8.69 11.27 22.35
CA HIS A 123 -7.92 11.37 21.12
C HIS A 123 -8.67 12.11 20.01
N GLU A 124 -9.35 13.19 20.36
CA GLU A 124 -10.18 13.88 19.39
C GLU A 124 -9.32 14.80 18.48
N ASN A 125 -9.65 14.87 17.20
CA ASN A 125 -8.89 15.73 16.31
C ASN A 125 -9.31 17.19 16.57
N PRO A 126 -8.36 18.02 17.04
CA PRO A 126 -8.66 19.38 17.51
C PRO A 126 -9.35 20.25 16.47
N ILE A 127 -9.06 20.00 15.20
CA ILE A 127 -9.58 20.84 14.13
C ILE A 127 -11.08 20.59 13.96
N ALA A 128 -11.53 19.43 14.42
CA ALA A 128 -12.94 19.04 14.36
C ALA A 128 -13.77 19.56 15.54
N MET A 129 -13.09 19.99 16.60
CA MET A 129 -13.75 20.50 17.79
C MET A 129 -14.04 22.00 17.75
N SER A 130 -15.04 22.44 18.51
CA SER A 130 -15.22 23.87 18.82
C SER A 130 -14.05 24.37 19.64
N THR A 131 -13.91 25.69 19.76
CA THR A 131 -12.87 26.23 20.63
C THR A 131 -13.17 25.82 22.08
N LYS A 132 -14.45 25.85 22.47
CA LYS A 132 -14.82 25.48 23.84
C LYS A 132 -14.60 24.00 24.11
N GLN A 133 -14.95 23.15 23.15
CA GLN A 133 -14.68 21.72 23.27
C GLN A 133 -13.18 21.47 23.37
N GLU A 134 -12.38 22.17 22.56
CA GLU A 134 -10.95 21.97 22.61
C GLU A 134 -10.34 22.47 23.93
N GLU A 135 -10.80 23.63 24.40
CA GLU A 135 -10.31 24.20 25.66
C GLU A 135 -10.72 23.35 26.86
N ASP A 136 -11.99 22.90 26.87
CA ASP A 136 -12.46 21.97 27.91
C ASP A 136 -11.66 20.66 27.90
N VAL A 137 -11.39 20.10 26.71
CA VAL A 137 -10.59 18.87 26.63
C VAL A 137 -9.22 19.07 27.27
N LEU A 138 -8.60 20.23 26.99
CA LEU A 138 -7.27 20.54 27.52
C LEU A 138 -7.30 20.75 29.03
N LEU A 139 -8.34 21.44 29.49
CA LEU A 139 -8.53 21.65 30.91
C LEU A 139 -8.61 20.33 31.66
N LYS A 140 -9.42 19.40 31.15
CA LYS A 140 -9.58 18.09 31.79
C LYS A 140 -8.26 17.32 31.83
N SER A 141 -7.50 17.39 30.74
CA SER A 141 -6.21 16.72 30.62
C SER A 141 -5.22 17.20 31.68
N VAL A 142 -5.14 18.52 31.86
CA VAL A 142 -4.25 19.14 32.85
C VAL A 142 -4.61 18.70 34.26
N GLU A 143 -5.90 18.75 34.53
CA GLU A 143 -6.49 18.37 35.80
C GLU A 143 -6.21 16.89 36.12
N LEU A 144 -6.40 16.01 35.13
CA LEU A 144 -6.14 14.57 35.25
C LEU A 144 -4.66 14.22 35.42
N ILE A 145 -3.79 14.96 34.75
CA ILE A 145 -2.35 14.73 34.82
C ILE A 145 -1.79 15.28 36.13
N LYS A 146 -2.31 16.41 36.56
CA LYS A 146 -1.90 17.01 37.82
C LYS A 146 -2.29 16.10 38.98
N ASP A 147 -3.51 15.57 38.93
CA ASP A 147 -3.96 14.66 39.97
C ASP A 147 -3.12 13.39 39.99
N LEU A 148 -2.51 13.05 38.85
CA LEU A 148 -1.78 11.78 38.71
C LEU A 148 -0.30 11.89 39.07
N THR A 149 0.31 13.01 38.71
CA THR A 149 1.75 13.16 38.85
C THR A 149 2.13 14.12 39.99
N GLY A 150 1.23 15.04 40.33
CA GLY A 150 1.54 16.06 41.33
C GLY A 150 1.86 17.40 40.70
N LYS A 151 2.37 17.35 39.47
CA LYS A 151 2.72 18.57 38.74
C LYS A 151 1.84 18.74 37.50
N ALA A 152 1.67 19.98 37.05
CA ALA A 152 0.95 20.23 35.81
C ALA A 152 1.79 19.78 34.61
N PRO A 153 1.12 19.30 33.54
CA PRO A 153 1.90 18.82 32.38
C PRO A 153 2.57 20.00 31.70
N THR A 154 3.74 19.79 31.12
CA THR A 154 4.38 20.88 30.38
C THR A 154 4.36 20.60 28.89
N GLY A 155 3.96 19.39 28.51
CA GLY A 155 4.08 18.92 27.15
C GLY A 155 2.78 18.46 26.48
N TYR A 156 2.70 18.61 25.16
CA TYR A 156 1.50 18.27 24.43
C TYR A 156 1.76 17.59 23.09
N VAL A 157 0.93 16.61 22.76
CA VAL A 157 0.80 16.15 21.38
C VAL A 157 -0.65 16.25 20.93
N ALA A 158 -0.88 16.91 19.79
CA ALA A 158 -2.23 16.95 19.25
C ALA A 158 -2.56 15.61 18.63
N PRO A 159 -3.72 15.03 18.99
CA PRO A 159 -4.19 13.75 18.47
C PRO A 159 -4.25 13.74 16.94
N TRP A 160 -3.64 12.71 16.33
CA TRP A 160 -3.53 12.55 14.87
C TRP A 160 -2.73 13.69 14.24
N TRP A 161 -2.09 14.49 15.10
CA TRP A 161 -1.23 15.61 14.71
C TRP A 161 -1.93 16.71 13.91
N GLU A 162 -2.98 17.30 14.47
CA GLU A 162 -3.62 18.46 13.83
C GLU A 162 -3.84 19.66 14.77
N PHE A 163 -3.61 20.86 14.24
CA PHE A 163 -3.71 22.12 14.99
C PHE A 163 -5.02 22.91 14.77
N SER A 164 -5.03 24.20 15.11
CA SER A 164 -6.22 25.04 14.94
C SER A 164 -6.05 26.45 15.46
N ASN A 165 -6.00 26.51 16.78
CA ASN A 165 -5.78 27.68 17.59
C ASN A 165 -5.18 27.14 18.87
N ILE A 166 -4.33 26.13 18.67
CA ILE A 166 -3.77 25.36 19.76
C ILE A 166 -2.68 26.12 20.47
N THR A 167 -1.83 26.83 19.70
CA THR A 167 -0.74 27.60 20.31
C THR A 167 -1.33 28.48 21.38
N ASN A 168 -2.28 29.29 20.97
CA ASN A 168 -2.90 30.25 21.87
C ASN A 168 -3.45 29.52 23.08
N GLU A 169 -4.01 28.34 22.88
CA GLU A 169 -4.56 27.60 24.01
C GLU A 169 -3.51 26.97 24.92
N LEU A 170 -2.45 26.42 24.35
CA LEU A 170 -1.36 25.81 25.12
C LEU A 170 -0.67 26.83 26.07
N LEU A 171 -0.34 27.99 25.51
CA LEU A 171 0.35 29.03 26.27
C LEU A 171 -0.58 29.61 27.32
N LEU A 172 -1.84 29.68 26.97
CA LEU A 172 -2.86 30.19 27.87
C LEU A 172 -3.07 29.19 29.00
N LYS A 173 -3.11 27.90 28.67
CA LYS A 173 -3.36 26.91 29.71
C LYS A 173 -2.07 26.55 30.45
N HIS A 174 -1.30 27.59 30.72
CA HIS A 174 -0.10 27.55 31.58
C HIS A 174 0.73 26.32 31.25
N GLY A 175 1.47 25.81 32.23
CA GLY A 175 2.31 24.64 32.06
C GLY A 175 3.01 24.61 30.73
N PHE A 176 2.20 24.45 29.67
CA PHE A 176 2.66 23.97 28.39
C PHE A 176 3.83 24.77 27.88
N LYS A 177 4.96 24.08 27.87
CA LYS A 177 6.25 24.61 27.51
C LYS A 177 6.48 24.29 26.03
N TYR A 178 6.12 23.07 25.65
CA TYR A 178 6.46 22.55 24.32
C TYR A 178 5.36 21.72 23.70
N ASP A 179 5.35 21.70 22.36
CA ASP A 179 4.45 20.82 21.62
C ASP A 179 5.28 19.88 20.74
N HIS A 180 4.73 18.70 20.46
CA HIS A 180 5.42 17.71 19.61
C HIS A 180 4.41 17.23 18.54
N SER A 181 3.87 18.18 17.77
CA SER A 181 2.78 17.90 16.83
C SER A 181 3.05 18.44 15.43
N LEU A 182 3.90 19.46 15.33
CA LEU A 182 4.11 20.21 14.10
C LEU A 182 5.43 19.84 13.40
N MET A 183 5.53 20.25 12.12
CA MET A 183 6.59 19.78 11.24
C MET A 183 7.27 20.87 10.41
N HIS A 184 7.46 22.07 10.96
CA HIS A 184 8.21 23.10 10.23
C HIS A 184 9.69 22.73 10.07
N ASN A 185 10.19 21.89 10.99
CA ASN A 185 11.59 21.46 10.96
C ASN A 185 11.75 19.97 11.26
N ASP A 186 13.00 19.54 11.30
CA ASP A 186 13.34 18.13 11.41
C ASP A 186 13.97 17.68 12.71
N PHE A 187 15.21 18.11 12.89
CA PHE A 187 16.01 17.64 14.00
C PHE A 187 16.57 18.82 14.78
N THR A 188 15.83 19.91 14.76
CA THR A 188 16.12 21.08 15.58
C THR A 188 14.82 21.60 16.07
N PRO A 189 14.75 21.88 17.38
CA PRO A 189 13.58 22.56 17.94
C PRO A 189 13.53 23.99 17.42
N TYR A 190 12.40 24.66 17.58
CA TYR A 190 12.23 26.05 17.19
C TYR A 190 11.03 26.58 17.93
N TYR A 191 10.81 27.88 17.86
CA TYR A 191 9.63 28.50 18.46
C TYR A 191 8.49 28.57 17.44
N VAL A 192 7.28 28.19 17.87
CA VAL A 192 6.15 28.12 16.96
C VAL A 192 5.58 29.53 16.72
N ARG A 193 5.34 29.84 15.44
CA ARG A 193 4.74 31.09 15.03
C ARG A 193 3.23 31.02 15.12
N VAL A 194 2.62 32.10 15.62
CA VAL A 194 1.17 32.20 15.56
C VAL A 194 0.81 33.17 14.43
N GLY A 195 -0.34 32.95 13.78
CA GLY A 195 -0.86 33.87 12.80
C GLY A 195 -0.45 33.74 11.33
N ASP A 196 0.22 32.66 10.95
CA ASP A 196 0.52 32.43 9.54
C ASP A 196 -0.73 32.45 8.70
N SER A 197 -0.66 33.03 7.50
CA SER A 197 -1.80 32.94 6.61
C SER A 197 -1.36 32.58 5.20
N TRP A 198 -2.33 32.17 4.38
CA TRP A 198 -2.10 31.79 3.02
C TRP A 198 -3.43 31.91 2.30
N SER A 199 -3.39 32.04 0.98
CA SER A 199 -4.60 32.20 0.19
C SER A 199 -5.00 30.88 -0.44
N LYS A 200 -6.19 30.38 -0.11
CA LYS A 200 -6.65 29.15 -0.73
C LYS A 200 -7.07 29.44 -2.15
N ILE A 201 -6.91 28.43 -3.00
CA ILE A 201 -7.38 28.49 -4.37
C ILE A 201 -8.90 28.41 -4.43
N ASP A 202 -9.50 29.39 -5.09
CA ASP A 202 -10.93 29.34 -5.42
C ASP A 202 -11.06 29.49 -6.93
N TYR A 203 -11.34 28.37 -7.59
CA TYR A 203 -11.34 28.34 -9.05
C TYR A 203 -12.51 29.08 -9.68
N SER A 204 -13.43 29.55 -8.83
CA SER A 204 -14.58 30.33 -9.29
C SER A 204 -14.17 31.79 -9.40
N LEU A 205 -12.96 32.10 -8.96
CA LEU A 205 -12.43 33.45 -9.06
C LEU A 205 -11.30 33.47 -10.09
N GLU A 206 -10.68 34.63 -10.27
CA GLU A 206 -9.57 34.70 -11.21
C GLU A 206 -8.28 34.40 -10.48
N ALA A 207 -7.23 34.06 -11.22
CA ALA A 207 -5.98 33.57 -10.65
C ALA A 207 -5.31 34.56 -9.67
N LYS A 208 -5.36 35.85 -9.98
CA LYS A 208 -4.74 36.88 -9.14
C LYS A 208 -5.29 36.91 -7.72
N ASP A 209 -6.47 36.34 -7.51
CA ASP A 209 -7.04 36.28 -6.17
C ASP A 209 -6.27 35.30 -5.25
N TRP A 210 -5.72 34.23 -5.81
CA TRP A 210 -4.95 33.28 -5.00
C TRP A 210 -3.45 33.27 -5.26
N MET A 211 -2.98 33.99 -6.27
CA MET A 211 -1.53 34.01 -6.51
C MET A 211 -0.82 34.96 -5.57
N LYS A 212 -0.81 34.59 -4.29
CA LYS A 212 -0.12 35.39 -3.27
C LYS A 212 0.66 34.42 -2.35
N PRO A 213 1.84 34.86 -1.90
CA PRO A 213 2.73 33.99 -1.13
C PRO A 213 2.34 33.87 0.34
N LEU A 214 2.57 32.69 0.91
CA LEU A 214 2.29 32.47 2.33
C LEU A 214 2.85 33.64 3.13
N ILE A 215 2.11 34.08 4.14
CA ILE A 215 2.51 35.24 4.92
C ILE A 215 2.76 34.84 6.36
N ARG A 216 4.04 34.88 6.73
CA ARG A 216 4.50 34.39 8.03
C ARG A 216 4.02 35.24 9.21
N GLY A 217 3.66 34.57 10.29
CA GLY A 217 3.15 35.23 11.46
C GLY A 217 4.23 35.63 12.44
N VAL A 218 3.93 35.44 13.71
CA VAL A 218 4.84 35.93 14.74
C VAL A 218 5.19 34.81 15.72
N GLU A 219 6.48 34.73 16.00
CA GLU A 219 7.07 33.77 16.93
C GLU A 219 6.44 33.87 18.31
N THR A 220 6.06 32.72 18.88
CA THR A 220 5.59 32.66 20.26
C THR A 220 6.63 31.96 21.15
N ASN A 221 6.29 31.82 22.44
CA ASN A 221 7.18 31.15 23.39
C ASN A 221 7.03 29.61 23.39
N LEU A 222 6.02 29.09 22.70
CA LEU A 222 5.86 27.65 22.60
C LEU A 222 7.01 27.03 21.82
N VAL A 223 7.82 26.18 22.47
CA VAL A 223 8.86 25.49 21.73
C VAL A 223 8.27 24.28 21.01
N GLU A 224 8.72 24.05 19.77
CA GLU A 224 8.31 22.83 19.08
C GLU A 224 9.42 21.80 19.13
N ILE A 225 9.07 20.61 19.57
CA ILE A 225 9.96 19.50 19.39
C ILE A 225 9.27 18.66 18.31
N PRO A 226 9.63 18.91 17.04
CA PRO A 226 8.84 18.54 15.85
C PRO A 226 8.40 17.08 15.77
N ALA A 227 7.15 16.89 15.36
CA ALA A 227 6.64 15.59 14.90
C ALA A 227 7.27 15.24 13.56
N ASN A 228 7.20 13.96 13.18
CA ASN A 228 7.78 13.51 11.91
C ASN A 228 7.16 12.17 11.48
N TRP A 229 6.47 12.17 10.33
CA TRP A 229 5.85 10.94 9.81
C TRP A 229 6.89 9.84 9.54
N TYR A 230 8.16 10.23 9.34
CA TYR A 230 9.23 9.25 9.10
C TYR A 230 9.81 8.67 10.42
N LEU A 231 9.40 9.23 11.56
CA LEU A 231 9.77 8.68 12.86
C LEU A 231 8.49 8.49 13.67
N ASP A 232 7.57 7.73 13.08
CA ASP A 232 6.25 7.46 13.62
C ASP A 232 5.91 5.99 13.34
N ASP A 233 5.76 5.18 14.40
CA ASP A 233 5.58 3.74 14.24
C ASP A 233 4.21 3.35 13.68
N LEU A 234 3.22 4.22 13.89
CA LEU A 234 1.84 3.79 13.69
C LEU A 234 1.40 3.69 12.23
N PRO A 235 1.54 4.77 11.44
CA PRO A 235 1.01 4.64 10.08
C PRO A 235 1.58 3.48 9.27
N PRO A 236 2.91 3.23 9.28
CA PRO A 236 3.32 2.08 8.50
C PRO A 236 2.92 0.71 9.07
N MET A 237 2.78 0.56 10.39
CA MET A 237 2.71 -0.80 10.94
C MET A 237 1.43 -1.15 11.71
N MET A 238 0.41 -0.29 11.65
CA MET A 238 -0.88 -0.64 12.22
C MET A 238 -1.97 -0.73 11.16
N PHE A 239 -2.68 -1.85 11.18
CA PHE A 239 -3.74 -2.11 10.20
C PHE A 239 -5.08 -1.56 10.66
N ILE A 240 -5.69 -0.74 9.82
CA ILE A 240 -6.93 -0.07 10.14
C ILE A 240 -7.89 -0.25 8.98
N LYS A 241 -8.98 -0.96 9.20
CA LYS A 241 -9.97 -1.18 8.14
C LYS A 241 -10.67 0.13 7.75
N LYS A 242 -10.96 0.96 8.74
CA LYS A 242 -11.76 2.17 8.55
C LYS A 242 -11.04 3.33 7.87
N SER A 243 -9.77 3.15 7.59
CA SER A 243 -8.95 4.18 6.95
C SER A 243 -8.69 3.83 5.50
N PRO A 244 -8.81 4.82 4.60
CA PRO A 244 -8.43 4.46 3.22
C PRO A 244 -6.91 4.47 3.05
N ASN A 245 -6.24 5.23 3.92
CA ASN A 245 -4.78 5.30 3.90
C ASN A 245 -4.13 4.59 5.05
N SER A 246 -4.75 3.50 5.47
CA SER A 246 -4.13 2.62 6.44
C SER A 246 -3.06 1.78 5.74
N PHE A 247 -2.02 1.41 6.48
CA PHE A 247 -1.10 0.40 6.00
C PHE A 247 -1.07 -0.74 6.99
N GLY A 248 0.03 -0.92 7.69
CA GLY A 248 0.03 -1.95 8.70
C GLY A 248 0.94 -3.13 8.41
N PHE A 249 1.31 -3.34 7.16
CA PHE A 249 2.12 -4.51 6.89
C PHE A 249 3.47 -4.21 6.28
N VAL A 250 3.93 -2.97 6.47
CA VAL A 250 5.32 -2.65 6.22
C VAL A 250 6.21 -3.38 7.22
N SER A 251 7.31 -3.91 6.71
CA SER A 251 8.30 -4.62 7.50
C SER A 251 8.95 -3.73 8.57
N PRO A 252 8.94 -4.19 9.84
CA PRO A 252 9.64 -3.44 10.89
C PRO A 252 11.15 -3.32 10.70
N ARG A 253 11.75 -4.29 10.00
CA ARG A 253 13.19 -4.22 9.74
C ARG A 253 13.49 -3.13 8.73
N ASP A 254 12.64 -3.00 7.73
CA ASP A 254 12.75 -1.87 6.80
C ASP A 254 12.50 -0.56 7.56
N ILE A 255 11.51 -0.55 8.45
CA ILE A 255 11.28 0.69 9.22
C ILE A 255 12.47 1.01 10.16
N GLY A 256 12.92 0.03 10.92
CA GLY A 256 14.04 0.25 11.81
C GLY A 256 15.26 0.75 11.08
N GLN A 257 15.53 0.14 9.93
CA GLN A 257 16.68 0.52 9.12
C GLN A 257 16.59 1.95 8.63
N MET A 258 15.39 2.36 8.25
CA MET A 258 15.18 3.72 7.79
C MET A 258 15.39 4.72 8.92
N TRP A 259 14.90 4.39 10.11
CA TRP A 259 15.04 5.23 11.29
C TRP A 259 16.50 5.36 11.60
N ILE A 260 17.21 4.23 11.49
CA ILE A 260 18.64 4.21 11.75
C ILE A 260 19.43 5.03 10.71
N ASP A 261 19.02 4.99 9.44
CA ASP A 261 19.69 5.80 8.41
C ASP A 261 19.51 7.30 8.71
N GLN A 262 18.33 7.65 9.21
CA GLN A 262 18.04 9.02 9.62
C GLN A 262 18.99 9.43 10.74
N PHE A 263 19.20 8.54 11.70
CA PHE A 263 20.07 8.85 12.83
C PHE A 263 21.50 9.04 12.40
N ASP A 264 21.94 8.18 11.47
CA ASP A 264 23.32 8.18 11.05
C ASP A 264 23.61 9.45 10.30
N TRP A 265 22.66 9.90 9.52
CA TRP A 265 22.83 11.12 8.73
C TRP A 265 22.91 12.31 9.66
N VAL A 266 21.96 12.38 10.58
CA VAL A 266 21.93 13.43 11.60
C VAL A 266 23.25 13.43 12.35
N TYR A 267 23.72 12.24 12.70
CA TYR A 267 24.94 12.13 13.47
C TYR A 267 26.15 12.64 12.70
N ARG A 268 26.17 12.36 11.41
CA ARG A 268 27.29 12.72 10.54
C ARG A 268 27.29 14.21 10.18
N GLU A 269 26.10 14.81 10.16
CA GLU A 269 25.97 16.19 9.66
C GLU A 269 25.80 17.26 10.74
N MET A 270 25.37 16.87 11.92
CA MET A 270 25.00 17.86 12.91
C MET A 270 25.71 17.65 14.22
N ASP A 271 26.04 18.76 14.87
CA ASP A 271 26.75 18.72 16.14
C ASP A 271 25.75 18.76 17.29
N TYR A 272 24.76 19.64 17.17
CA TYR A 272 23.63 19.62 18.08
C TYR A 272 22.38 19.23 17.30
N ALA A 273 21.60 18.32 17.85
CA ALA A 273 20.38 17.87 17.19
C ALA A 273 19.46 17.19 18.20
N VAL A 274 18.15 17.23 17.93
CA VAL A 274 17.23 16.41 18.70
C VAL A 274 16.58 15.38 17.77
N PHE A 275 16.66 14.13 18.22
CA PHE A 275 16.21 12.97 17.48
C PHE A 275 15.13 12.26 18.31
N SER A 276 13.86 12.61 18.05
CA SER A 276 12.76 12.05 18.84
C SER A 276 11.93 11.06 18.03
N MET A 277 11.63 9.91 18.64
CA MET A 277 10.84 8.89 17.97
C MET A 277 9.44 8.79 18.57
N THR A 278 8.43 8.85 17.71
CA THR A 278 7.05 8.72 18.14
C THR A 278 6.58 7.29 18.00
N ILE A 279 6.24 6.68 19.13
CA ILE A 279 5.75 5.31 19.15
C ILE A 279 4.41 5.22 19.92
N HIS A 280 3.79 4.04 19.88
CA HIS A 280 2.52 3.81 20.55
C HIS A 280 2.57 2.41 21.09
N PRO A 281 2.10 2.17 22.32
CA PRO A 281 2.13 0.78 22.82
C PRO A 281 1.34 -0.12 21.89
N ASP A 282 0.28 0.44 21.31
CA ASP A 282 -0.48 -0.22 20.27
C ASP A 282 0.41 -0.97 19.23
N VAL A 283 1.54 -0.36 18.88
CA VAL A 283 2.39 -0.87 17.82
C VAL A 283 3.79 -1.32 18.29
N SER A 284 4.44 -0.48 19.09
CA SER A 284 5.83 -0.68 19.44
C SER A 284 6.03 -1.67 20.57
N ALA A 285 4.94 -2.07 21.18
CA ALA A 285 4.97 -3.12 22.19
C ALA A 285 4.62 -4.48 21.59
N ARG A 286 4.43 -4.53 20.28
CA ARG A 286 4.35 -5.83 19.56
C ARG A 286 5.75 -6.45 19.43
N PRO A 287 5.87 -7.76 19.67
CA PRO A 287 7.20 -8.39 19.72
C PRO A 287 8.14 -8.02 18.55
N GLN A 288 7.64 -8.06 17.32
CA GLN A 288 8.47 -7.81 16.15
C GLN A 288 9.06 -6.39 16.12
N VAL A 289 8.35 -5.40 16.64
CA VAL A 289 8.91 -4.06 16.61
C VAL A 289 9.63 -3.73 17.95
N LEU A 290 9.32 -4.46 19.01
CA LEU A 290 10.16 -4.41 20.21
C LEU A 290 11.61 -4.78 19.83
N LEU A 291 11.77 -5.84 19.05
CA LEU A 291 13.08 -6.23 18.51
C LEU A 291 13.67 -5.10 17.69
N MET A 292 12.82 -4.45 16.89
CA MET A 292 13.27 -3.34 16.07
C MET A 292 13.86 -2.25 16.97
N HIS A 293 13.14 -1.93 18.04
CA HIS A 293 13.63 -0.88 18.93
C HIS A 293 14.93 -1.28 19.64
N GLU A 294 15.08 -2.56 19.96
CA GLU A 294 16.34 -3.01 20.54
C GLU A 294 17.53 -2.75 19.59
N LYS A 295 17.36 -3.03 18.29
CA LYS A 295 18.39 -2.72 17.28
C LYS A 295 18.67 -1.22 17.17
N ILE A 296 17.61 -0.43 17.27
CA ILE A 296 17.78 1.00 17.15
C ILE A 296 18.54 1.55 18.35
N ILE A 297 18.06 1.23 19.55
CA ILE A 297 18.68 1.71 20.77
C ILE A 297 20.14 1.26 20.83
N GLU A 298 20.39 -0.01 20.52
CA GLU A 298 21.74 -0.58 20.57
C GLU A 298 22.66 0.06 19.51
N HIS A 299 22.10 0.45 18.37
CA HIS A 299 22.88 1.17 17.36
C HIS A 299 23.20 2.60 17.80
N ILE A 300 22.20 3.27 18.36
CA ILE A 300 22.38 4.64 18.84
C ILE A 300 23.40 4.68 19.96
N ASN A 301 23.37 3.67 20.83
CA ASN A 301 24.24 3.61 21.99
C ASN A 301 25.71 3.34 21.63
N LYS A 302 25.97 3.00 20.37
CA LYS A 302 27.34 2.82 19.90
C LYS A 302 27.97 4.19 19.65
N HIS A 303 27.14 5.22 19.62
CA HIS A 303 27.61 6.56 19.30
C HIS A 303 27.89 7.41 20.55
N GLU A 304 29.02 8.09 20.54
CA GLU A 304 29.37 9.02 21.62
C GLU A 304 28.74 10.37 21.32
N GLY A 305 28.34 11.10 22.36
CA GLY A 305 27.68 12.37 22.18
C GLY A 305 26.17 12.24 22.18
N VAL A 306 25.69 11.01 22.35
CA VAL A 306 24.26 10.72 22.49
C VAL A 306 23.77 11.02 23.92
N ARG A 307 22.59 11.60 24.08
CA ARG A 307 22.05 11.79 25.42
C ARG A 307 20.55 11.49 25.46
N TRP A 308 20.19 10.42 26.16
CA TRP A 308 18.81 10.03 26.30
C TRP A 308 18.11 10.94 27.31
N VAL A 309 17.00 11.55 26.90
CA VAL A 309 16.33 12.60 27.68
C VAL A 309 14.82 12.53 27.51
N THR A 310 14.10 13.28 28.34
CA THR A 310 12.65 13.49 28.17
C THR A 310 12.44 14.70 27.27
N PHE A 311 11.20 14.91 26.82
CA PHE A 311 10.93 16.06 25.98
C PHE A 311 11.05 17.35 26.79
N ASN A 312 10.59 17.31 28.05
CA ASN A 312 10.75 18.47 28.92
C ASN A 312 12.20 18.94 29.06
N GLU A 313 13.15 18.00 29.08
CA GLU A 313 14.56 18.35 29.19
C GLU A 313 15.08 19.00 27.91
N ILE A 314 14.56 18.55 26.77
CA ILE A 314 14.85 19.15 25.48
C ILE A 314 14.32 20.56 25.43
N ALA A 315 13.10 20.74 25.92
CA ALA A 315 12.46 22.05 25.92
C ALA A 315 13.23 22.99 26.84
N ASP A 316 13.63 22.50 28.01
CA ASP A 316 14.46 23.27 28.96
C ASP A 316 15.81 23.63 28.35
N ASP A 317 16.48 22.64 27.77
CA ASP A 317 17.78 22.85 27.15
C ASP A 317 17.71 23.84 25.97
N PHE A 318 16.66 23.72 25.17
CA PHE A 318 16.52 24.59 24.01
C PHE A 318 16.25 26.04 24.42
N LEU A 319 15.39 26.19 25.42
CA LEU A 319 15.06 27.50 25.96
C LEU A 319 16.33 28.14 26.55
N LYS A 320 17.22 27.32 27.09
CA LYS A 320 18.47 27.85 27.62
C LYS A 320 19.48 28.06 26.49
N ARG A 321 19.39 27.23 25.45
CA ARG A 321 20.30 27.32 24.30
C ARG A 321 20.13 28.60 23.47
N ASN A 322 18.90 28.92 23.09
CA ASN A 322 18.66 30.21 22.49
C ASN A 322 17.31 30.79 22.88
N PRO A 323 17.32 31.68 23.90
CA PRO A 323 16.15 32.46 24.35
C PRO A 323 15.62 33.40 23.25
N ARG A 324 14.59 34.18 23.59
CA ARG A 324 13.90 35.08 22.64
C ARG A 324 13.08 34.26 21.66
N ALA B 35 30.51 4.42 -28.68
CA ALA B 35 30.34 5.73 -28.04
C ALA B 35 29.14 5.75 -27.10
N LYS B 36 29.27 6.46 -25.98
CA LYS B 36 28.13 6.59 -25.07
C LYS B 36 27.94 8.04 -24.62
N GLU B 37 26.73 8.55 -24.85
CA GLU B 37 26.32 9.85 -24.36
C GLU B 37 25.13 9.72 -23.43
N ILE B 38 25.39 9.60 -22.12
CA ILE B 38 24.29 9.48 -21.18
C ILE B 38 24.11 10.79 -20.41
N LEU B 39 23.07 11.51 -20.79
CA LEU B 39 22.74 12.77 -20.15
C LEU B 39 21.91 12.46 -18.89
N VAL B 40 22.40 12.90 -17.74
CA VAL B 40 21.74 12.60 -16.46
C VAL B 40 21.39 13.92 -15.78
N ALA B 41 20.17 14.04 -15.26
CA ALA B 41 19.78 15.31 -14.67
C ALA B 41 18.86 15.12 -13.47
N TYR B 42 18.95 16.07 -12.53
CA TYR B 42 17.96 16.19 -11.46
C TYR B 42 17.00 17.34 -11.74
N GLY B 43 15.71 17.04 -11.67
CA GLY B 43 14.69 18.07 -11.78
C GLY B 43 13.98 18.19 -10.44
N VAL B 44 14.19 19.33 -9.78
CA VAL B 44 13.57 19.58 -8.49
C VAL B 44 12.28 20.38 -8.58
N ASP B 45 11.13 19.72 -8.37
CA ASP B 45 9.88 20.46 -8.22
C ASP B 45 9.75 20.92 -6.77
N ILE B 46 9.92 22.21 -6.51
CA ILE B 46 9.75 22.75 -5.17
C ILE B 46 8.26 22.87 -4.82
N ASP B 47 7.58 21.72 -4.70
CA ASP B 47 6.15 21.70 -4.31
C ASP B 47 5.84 22.48 -3.01
N ALA B 48 6.52 22.16 -1.91
CA ALA B 48 6.42 22.98 -0.69
C ALA B 48 4.98 23.30 -0.20
N VAL B 49 4.69 24.59 0.02
CA VAL B 49 3.35 24.97 0.51
C VAL B 49 2.34 24.88 -0.62
N ALA B 50 2.84 25.16 -1.84
CA ALA B 50 2.04 25.18 -3.05
C ALA B 50 1.43 23.82 -3.35
N GLY B 51 2.21 22.76 -3.21
CA GLY B 51 1.70 21.43 -3.48
C GLY B 51 0.56 21.06 -2.53
N TRP B 52 0.59 21.61 -1.32
CA TRP B 52 -0.48 21.28 -0.37
C TRP B 52 -1.74 22.06 -0.70
N LEU B 53 -1.54 23.24 -1.28
CA LEU B 53 -2.64 24.13 -1.64
C LEU B 53 -3.36 23.64 -2.89
N GLY B 54 -2.58 23.13 -3.83
CA GLY B 54 -3.10 22.80 -5.14
C GLY B 54 -3.44 21.35 -5.32
N SER B 55 -2.65 20.45 -4.73
CA SER B 55 -2.73 19.04 -5.10
C SER B 55 -3.00 18.06 -3.96
N TYR B 56 -2.38 18.29 -2.80
CA TYR B 56 -2.30 17.25 -1.78
C TYR B 56 -3.22 17.45 -0.59
N GLY B 57 -4.25 18.29 -0.77
CA GLY B 57 -5.34 18.41 0.19
C GLY B 57 -5.04 19.10 1.53
N GLY B 58 -3.89 19.75 1.62
CA GLY B 58 -3.47 20.34 2.90
C GLY B 58 -3.90 21.78 3.16
N GLU B 59 -4.85 22.28 2.38
CA GLU B 59 -5.22 23.69 2.46
C GLU B 59 -5.88 24.02 3.79
N ASP B 60 -6.61 23.08 4.38
CA ASP B 60 -7.15 23.31 5.71
C ASP B 60 -6.36 22.59 6.81
N SER B 61 -5.05 22.45 6.62
CA SER B 61 -4.22 21.72 7.60
C SER B 61 -2.96 22.51 7.99
N PRO B 62 -2.93 23.01 9.23
CA PRO B 62 -1.70 23.66 9.70
C PRO B 62 -0.49 22.73 9.74
N ASP B 63 -0.71 21.44 10.03
CA ASP B 63 0.37 20.45 10.06
C ASP B 63 0.98 20.20 8.66
N ASP B 64 0.16 20.25 7.61
CA ASP B 64 0.66 19.99 6.27
C ASP B 64 1.37 21.24 5.74
N ILE B 65 0.77 22.40 5.96
CA ILE B 65 1.43 23.65 5.61
C ILE B 65 2.81 23.72 6.27
N SER B 66 2.88 23.25 7.52
CA SER B 66 4.16 23.22 8.23
C SER B 66 5.14 22.33 7.45
N ARG B 67 4.69 21.19 6.92
CA ARG B 67 5.60 20.41 6.07
C ARG B 67 6.01 21.21 4.83
N GLY B 68 5.06 21.91 4.22
CA GLY B 68 5.37 22.78 3.09
C GLY B 68 6.53 23.72 3.36
N LEU B 69 6.54 24.31 4.55
CA LEU B 69 7.54 25.30 4.92
C LEU B 69 8.87 24.66 5.29
N PHE B 70 8.82 23.44 5.81
CA PHE B 70 10.03 22.65 5.93
C PHE B 70 10.70 22.53 4.57
N ALA B 71 9.92 22.10 3.58
CA ALA B 71 10.49 21.75 2.29
C ALA B 71 11.26 22.92 1.70
N GLY B 72 10.77 24.13 1.96
CA GLY B 72 11.38 25.34 1.44
C GLY B 72 12.52 25.92 2.25
N GLU B 73 12.43 25.86 3.57
CA GLU B 73 13.38 26.53 4.46
C GLU B 73 14.56 25.63 4.83
N VAL B 74 14.27 24.34 5.00
CA VAL B 74 15.27 23.33 5.31
C VAL B 74 15.61 22.52 4.07
N GLY B 75 14.58 22.05 3.37
CA GLY B 75 14.76 21.23 2.20
C GLY B 75 15.64 21.81 1.12
N ILE B 76 15.30 23.01 0.64
CA ILE B 76 16.03 23.62 -0.48
C ILE B 76 17.55 23.72 -0.25
N PRO B 77 17.99 24.25 0.91
CA PRO B 77 19.44 24.26 1.18
C PRO B 77 20.10 22.89 1.36
N ARG B 78 19.39 21.84 1.75
CA ARG B 78 20.05 20.53 1.89
C ARG B 78 20.27 19.86 0.54
N LEU B 79 19.38 20.14 -0.43
CA LEU B 79 19.58 19.60 -1.77
C LEU B 79 20.70 20.41 -2.43
N LEU B 80 20.82 21.67 -2.06
CA LEU B 80 21.92 22.48 -2.60
C LEU B 80 23.25 21.99 -2.05
N LYS B 81 23.30 21.61 -0.77
CA LYS B 81 24.53 21.12 -0.18
C LYS B 81 24.93 19.81 -0.86
N LEU B 82 23.96 18.95 -1.11
CA LEU B 82 24.17 17.70 -1.85
C LEU B 82 24.69 17.93 -3.28
N PHE B 83 23.99 18.76 -4.04
CA PHE B 83 24.38 19.06 -5.42
C PHE B 83 25.78 19.67 -5.50
N LYS B 84 26.07 20.59 -4.57
CA LYS B 84 27.38 21.21 -4.48
C LYS B 84 28.44 20.21 -4.00
N LYS B 85 28.04 19.23 -3.20
CA LYS B 85 28.94 18.18 -2.75
C LYS B 85 29.48 17.34 -3.93
N TYR B 86 28.68 17.18 -4.97
CA TYR B 86 29.10 16.39 -6.11
C TYR B 86 29.28 17.25 -7.36
N HIS B 87 29.29 18.58 -7.17
CA HIS B 87 29.51 19.56 -8.25
C HIS B 87 28.47 19.44 -9.35
N LEU B 88 27.25 19.08 -8.98
CA LEU B 88 26.21 18.78 -9.96
C LEU B 88 25.46 20.03 -10.33
N PRO B 89 25.08 20.13 -11.62
CA PRO B 89 24.10 21.14 -12.02
C PRO B 89 22.72 20.61 -11.67
N ALA B 90 21.70 21.47 -11.67
CA ALA B 90 20.34 20.98 -11.52
C ALA B 90 19.37 21.98 -12.13
N THR B 91 18.16 21.53 -12.39
CA THR B 91 17.08 22.42 -12.79
C THR B 91 16.04 22.38 -11.69
N TRP B 92 15.58 23.56 -11.26
CA TRP B 92 14.57 23.64 -10.23
C TRP B 92 13.30 24.15 -10.86
N PHE B 93 12.27 23.31 -10.87
CA PHE B 93 11.02 23.73 -11.45
C PHE B 93 10.24 24.29 -10.29
N VAL B 94 10.05 25.62 -10.29
CA VAL B 94 9.60 26.32 -9.08
C VAL B 94 8.26 27.01 -9.24
N PRO B 95 7.28 26.58 -8.44
CA PRO B 95 5.98 27.27 -8.36
C PRO B 95 6.15 28.73 -7.96
N GLY B 96 5.32 29.60 -8.53
CA GLY B 96 5.36 31.01 -8.23
C GLY B 96 5.20 31.23 -6.74
N HIS B 97 4.39 30.38 -6.11
CA HIS B 97 4.08 30.51 -4.69
C HIS B 97 5.35 30.28 -3.89
N SER B 98 6.19 29.36 -4.33
CA SER B 98 7.45 29.08 -3.67
C SER B 98 8.50 30.18 -3.91
N ILE B 99 8.55 30.70 -5.14
CA ILE B 99 9.45 31.80 -5.43
C ILE B 99 9.25 32.94 -4.42
N GLU B 100 7.99 33.36 -4.25
CA GLU B 100 7.65 34.48 -3.37
C GLU B 100 7.63 34.14 -1.87
N THR B 101 7.40 32.88 -1.52
CA THR B 101 7.36 32.47 -0.11
C THR B 101 8.77 32.19 0.44
N PHE B 102 9.68 31.78 -0.43
CA PHE B 102 11.04 31.45 0.02
C PHE B 102 12.13 32.29 -0.68
N PRO B 103 12.02 33.64 -0.61
CA PRO B 103 12.95 34.47 -1.37
C PRO B 103 14.43 34.24 -1.03
N GLU B 104 14.74 33.99 0.23
CA GLU B 104 16.15 33.80 0.57
C GLU B 104 16.72 32.50 -0.01
N GLN B 105 15.88 31.47 -0.11
CA GLN B 105 16.29 30.21 -0.73
C GLN B 105 16.33 30.30 -2.25
N MET B 106 15.48 31.14 -2.83
CA MET B 106 15.55 31.39 -4.28
C MET B 106 16.89 32.00 -4.67
N LYS B 107 17.29 33.03 -3.94
CA LYS B 107 18.59 33.68 -4.11
C LYS B 107 19.71 32.65 -4.11
N MET B 108 19.64 31.72 -3.16
CA MET B 108 20.63 30.67 -3.02
C MET B 108 20.65 29.73 -4.22
N ILE B 109 19.51 29.55 -4.86
CA ILE B 109 19.43 28.65 -6.00
C ILE B 109 20.12 29.31 -7.20
N VAL B 110 19.85 30.60 -7.40
CA VAL B 110 20.42 31.31 -8.54
C VAL B 110 21.92 31.50 -8.36
N ASP B 111 22.35 31.81 -7.14
CA ASP B 111 23.76 32.01 -6.84
C ASP B 111 24.60 30.77 -7.18
N ALA B 112 24.02 29.58 -7.00
CA ALA B 112 24.73 28.34 -7.30
C ALA B 112 24.76 28.09 -8.80
N GLY B 113 23.99 28.89 -9.53
CA GLY B 113 24.05 28.88 -10.97
C GLY B 113 23.14 27.86 -11.62
N HIS B 114 22.16 27.37 -10.86
CA HIS B 114 21.24 26.35 -11.34
C HIS B 114 20.17 26.95 -12.24
N GLU B 115 19.51 26.11 -13.02
CA GLU B 115 18.43 26.58 -13.87
C GLU B 115 17.12 26.68 -13.08
N VAL B 116 16.29 27.66 -13.42
CA VAL B 116 14.98 27.80 -12.79
C VAL B 116 13.88 27.67 -13.85
N GLY B 117 13.12 26.57 -13.85
CA GLY B 117 11.99 26.42 -14.75
C GLY B 117 10.64 26.73 -14.08
N ALA B 118 9.54 26.61 -14.84
CA ALA B 118 8.21 26.98 -14.32
C ALA B 118 7.38 25.77 -13.80
N HIS B 119 6.42 26.04 -12.92
CA HIS B 119 5.66 24.97 -12.27
C HIS B 119 4.39 25.53 -11.59
N GLY B 120 3.55 26.22 -12.36
CA GLY B 120 2.37 26.88 -11.83
C GLY B 120 2.69 27.91 -10.78
N TYR B 121 1.65 28.48 -10.15
CA TYR B 121 1.87 29.33 -8.98
C TYR B 121 1.56 28.54 -7.71
N SER B 122 0.29 28.26 -7.46
CA SER B 122 -0.06 27.44 -6.29
C SER B 122 -0.27 25.98 -6.68
N HIS B 123 0.62 25.48 -7.53
CA HIS B 123 0.61 24.06 -7.94
C HIS B 123 -0.76 23.63 -8.45
N GLU B 124 -1.37 24.45 -9.29
CA GLU B 124 -2.72 24.15 -9.74
C GLU B 124 -2.71 23.27 -10.98
N ASN B 125 -3.64 22.33 -10.99
CA ASN B 125 -3.79 21.38 -12.07
C ASN B 125 -4.35 22.08 -13.30
N PRO B 126 -3.57 22.11 -14.38
CA PRO B 126 -3.99 22.80 -15.61
C PRO B 126 -5.38 22.35 -16.10
N ILE B 127 -5.79 21.14 -15.77
CA ILE B 127 -7.07 20.63 -16.26
C ILE B 127 -8.24 21.24 -15.48
N ALA B 128 -8.01 21.57 -14.22
CA ALA B 128 -9.05 22.17 -13.37
C ALA B 128 -9.26 23.66 -13.63
N MET B 129 -8.37 24.27 -14.42
CA MET B 129 -8.41 25.73 -14.64
C MET B 129 -9.09 26.17 -15.93
N SER B 130 -9.73 27.33 -15.88
CA SER B 130 -10.15 28.06 -17.07
C SER B 130 -8.93 28.37 -17.92
N THR B 131 -9.13 28.55 -19.23
CA THR B 131 -8.00 28.85 -20.10
C THR B 131 -7.36 30.17 -19.67
N LYS B 132 -8.17 31.10 -19.16
CA LYS B 132 -7.65 32.39 -18.74
C LYS B 132 -6.80 32.27 -17.47
N GLN B 133 -7.32 31.51 -16.51
CA GLN B 133 -6.60 31.23 -15.27
C GLN B 133 -5.26 30.63 -15.62
N GLU B 134 -5.31 29.62 -16.48
CA GLU B 134 -4.11 28.92 -16.90
C GLU B 134 -3.14 29.88 -17.55
N GLU B 135 -3.65 30.74 -18.42
CA GLU B 135 -2.78 31.68 -19.11
C GLU B 135 -2.22 32.69 -18.10
N ASP B 136 -3.09 33.18 -17.22
CA ASP B 136 -2.69 34.10 -16.13
C ASP B 136 -1.70 33.48 -15.16
N VAL B 137 -1.81 32.16 -14.94
CA VAL B 137 -0.83 31.46 -14.12
C VAL B 137 0.53 31.39 -14.83
N LEU B 138 0.50 31.07 -16.11
CA LEU B 138 1.74 30.95 -16.88
C LEU B 138 2.45 32.31 -17.02
N LEU B 139 1.69 33.38 -17.29
CA LEU B 139 2.29 34.71 -17.35
C LEU B 139 2.96 35.09 -16.04
N LYS B 140 2.25 34.94 -14.93
CA LYS B 140 2.77 35.37 -13.64
C LYS B 140 4.04 34.60 -13.30
N SER B 141 4.04 33.29 -13.58
CA SER B 141 5.21 32.45 -13.43
C SER B 141 6.40 32.99 -14.18
N VAL B 142 6.17 33.32 -15.46
CA VAL B 142 7.21 33.82 -16.35
C VAL B 142 7.71 35.15 -15.80
N GLU B 143 6.79 36.00 -15.37
CA GLU B 143 7.12 37.30 -14.78
C GLU B 143 7.98 37.12 -13.53
N LEU B 144 7.63 36.17 -12.67
CA LEU B 144 8.37 35.94 -11.44
C LEU B 144 9.77 35.40 -11.69
N ILE B 145 9.91 34.51 -12.67
CA ILE B 145 11.21 33.85 -12.91
C ILE B 145 12.20 34.78 -13.60
N LYS B 146 11.70 35.55 -14.57
CA LYS B 146 12.47 36.60 -15.20
C LYS B 146 13.05 37.57 -14.15
N ASP B 147 12.16 38.09 -13.30
CA ASP B 147 12.54 38.98 -12.20
C ASP B 147 13.68 38.41 -11.38
N LEU B 148 13.60 37.11 -11.11
CA LEU B 148 14.56 36.44 -10.22
C LEU B 148 15.91 36.16 -10.88
N THR B 149 15.88 35.82 -12.16
CA THR B 149 17.03 35.24 -12.84
C THR B 149 17.66 36.15 -13.88
N GLY B 150 16.85 37.04 -14.45
CA GLY B 150 17.32 37.92 -15.50
C GLY B 150 16.83 37.45 -16.85
N LYS B 151 16.57 36.14 -16.95
CA LYS B 151 16.06 35.53 -18.17
C LYS B 151 14.69 34.89 -17.95
N ALA B 152 13.92 34.79 -19.04
CA ALA B 152 12.68 34.05 -19.03
C ALA B 152 12.99 32.57 -18.88
N PRO B 153 12.07 31.82 -18.25
CA PRO B 153 12.25 30.36 -18.20
C PRO B 153 12.14 29.73 -19.59
N THR B 154 12.87 28.63 -19.81
CA THR B 154 12.72 27.84 -21.01
C THR B 154 12.09 26.47 -20.71
N GLY B 155 11.94 26.13 -19.42
CA GLY B 155 11.35 24.85 -19.07
C GLY B 155 10.09 24.87 -18.22
N TYR B 156 9.21 23.91 -18.46
CA TYR B 156 7.95 23.79 -17.72
C TYR B 156 7.72 22.38 -17.19
N VAL B 157 7.24 22.28 -15.96
CA VAL B 157 6.60 21.05 -15.49
C VAL B 157 5.18 21.41 -15.09
N ALA B 158 4.19 20.67 -15.56
CA ALA B 158 2.81 20.86 -15.11
C ALA B 158 2.60 20.26 -13.73
N PRO B 159 2.01 21.05 -12.81
CA PRO B 159 1.71 20.50 -11.48
C PRO B 159 0.89 19.21 -11.56
N TRP B 160 1.31 18.20 -10.79
CA TRP B 160 0.71 16.86 -10.76
C TRP B 160 0.65 16.19 -12.14
N TRP B 161 1.43 16.72 -13.06
CA TRP B 161 1.69 16.13 -14.37
C TRP B 161 0.45 15.92 -15.23
N GLU B 162 -0.23 17.02 -15.57
CA GLU B 162 -1.34 16.95 -16.53
C GLU B 162 -1.30 18.04 -17.58
N PHE B 163 -1.80 17.72 -18.77
CA PHE B 163 -1.96 18.71 -19.82
C PHE B 163 -3.43 19.09 -20.02
N SER B 164 -3.72 19.92 -21.05
CA SER B 164 -5.09 20.41 -21.27
C SER B 164 -5.24 21.07 -22.63
N ASN B 165 -4.47 22.15 -22.81
CA ASN B 165 -4.28 22.86 -24.08
C ASN B 165 -2.93 23.57 -23.94
N ILE B 166 -2.14 23.04 -22.99
CA ILE B 166 -0.85 23.57 -22.56
C ILE B 166 0.15 23.74 -23.67
N THR B 167 0.22 22.71 -24.52
CA THR B 167 1.20 22.66 -25.59
C THR B 167 1.12 23.95 -26.42
N ASN B 168 -0.08 24.45 -26.69
CA ASN B 168 -0.24 25.71 -27.40
C ASN B 168 0.23 26.89 -26.54
N GLU B 169 -0.06 26.83 -25.24
CA GLU B 169 0.25 27.93 -24.35
C GLU B 169 1.74 28.07 -24.05
N LEU B 170 2.45 26.94 -24.03
CA LEU B 170 3.87 26.89 -23.76
C LEU B 170 4.75 27.46 -24.90
N LEU B 171 4.40 27.13 -26.12
CA LEU B 171 5.06 27.70 -27.28
C LEU B 171 4.71 29.19 -27.38
N LEU B 172 3.41 29.48 -27.35
CA LEU B 172 2.91 30.86 -27.38
C LEU B 172 3.59 31.75 -26.33
N LYS B 173 3.62 31.30 -25.07
CA LYS B 173 4.32 32.08 -24.04
C LYS B 173 5.80 31.96 -24.27
N HIS B 174 6.16 32.18 -25.52
CA HIS B 174 7.51 32.28 -26.02
C HIS B 174 8.40 31.34 -25.22
N GLY B 175 9.51 31.87 -24.73
CA GLY B 175 10.45 31.15 -23.91
C GLY B 175 10.45 29.66 -24.13
N PHE B 176 9.35 29.03 -23.75
CA PHE B 176 9.35 27.61 -23.41
C PHE B 176 9.75 26.75 -24.58
N LYS B 177 10.88 26.10 -24.35
CA LYS B 177 11.55 25.21 -25.24
C LYS B 177 11.05 23.79 -25.00
N TYR B 178 10.98 23.41 -23.72
CA TYR B 178 10.75 22.02 -23.33
C TYR B 178 9.79 21.87 -22.15
N ASP B 179 9.10 20.74 -22.12
CA ASP B 179 8.23 20.37 -21.01
C ASP B 179 8.70 19.05 -20.41
N HIS B 180 8.41 18.81 -19.13
CA HIS B 180 8.84 17.60 -18.45
C HIS B 180 7.64 17.08 -17.63
N SER B 181 6.56 16.76 -18.34
CA SER B 181 5.32 16.36 -17.70
C SER B 181 4.72 15.07 -18.27
N LEU B 182 5.10 14.72 -19.51
CA LEU B 182 4.34 13.68 -20.23
C LEU B 182 5.12 12.40 -20.36
N MET B 183 4.48 11.36 -20.88
CA MET B 183 5.05 10.01 -20.77
C MET B 183 4.93 9.14 -22.02
N HIS B 184 5.01 9.73 -23.21
CA HIS B 184 5.05 8.93 -24.44
C HIS B 184 6.32 8.06 -24.53
N ASN B 185 7.39 8.49 -23.87
CA ASN B 185 8.67 7.76 -23.92
C ASN B 185 9.30 7.82 -22.53
N ASP B 186 10.48 7.21 -22.34
CA ASP B 186 11.08 7.39 -21.02
C ASP B 186 12.55 7.86 -21.00
N PHE B 187 13.41 7.31 -21.85
CA PHE B 187 14.83 7.69 -21.76
C PHE B 187 15.34 8.35 -23.04
N THR B 188 14.40 8.82 -23.85
CA THR B 188 14.67 9.63 -25.03
C THR B 188 13.70 10.78 -25.08
N PRO B 189 14.22 12.00 -25.34
CA PRO B 189 13.32 13.14 -25.60
C PRO B 189 12.56 12.93 -26.91
N TYR B 190 11.53 13.73 -27.16
CA TYR B 190 10.76 13.68 -28.39
C TYR B 190 9.99 15.00 -28.53
N TYR B 191 9.40 15.24 -29.71
CA TYR B 191 8.64 16.47 -29.91
C TYR B 191 7.17 16.24 -29.59
N VAL B 192 6.62 17.05 -28.67
CA VAL B 192 5.24 16.85 -28.26
C VAL B 192 4.25 17.05 -29.42
N ARG B 193 3.37 16.06 -29.63
CA ARG B 193 2.33 16.15 -30.64
C ARG B 193 1.13 16.94 -30.14
N VAL B 194 0.54 17.74 -31.01
CA VAL B 194 -0.71 18.45 -30.69
C VAL B 194 -1.83 17.79 -31.49
N GLY B 195 -3.05 17.82 -30.96
CA GLY B 195 -4.21 17.31 -31.69
C GLY B 195 -4.58 15.82 -31.59
N ASP B 196 -3.87 15.03 -30.78
CA ASP B 196 -4.23 13.63 -30.54
C ASP B 196 -5.66 13.55 -30.04
N SER B 197 -6.45 12.64 -30.60
CA SER B 197 -7.81 12.43 -30.11
C SER B 197 -8.16 10.94 -30.00
N TRP B 198 -9.20 10.64 -29.24
CA TRP B 198 -9.61 9.27 -29.01
C TRP B 198 -11.11 9.23 -28.70
N SER B 199 -11.74 8.05 -28.84
CA SER B 199 -13.18 7.88 -28.56
C SER B 199 -13.38 7.25 -27.20
N LYS B 200 -14.19 7.91 -26.35
CA LYS B 200 -14.49 7.40 -25.02
C LYS B 200 -15.57 6.33 -25.06
N ILE B 201 -15.52 5.38 -24.13
CA ILE B 201 -16.60 4.42 -23.97
C ILE B 201 -17.83 5.00 -23.27
N ASP B 202 -18.92 5.09 -24.00
CA ASP B 202 -20.24 5.43 -23.48
C ASP B 202 -21.04 4.13 -23.56
N TYR B 203 -21.27 3.45 -22.42
CA TYR B 203 -22.05 2.23 -22.45
C TYR B 203 -23.56 2.47 -22.72
N SER B 204 -23.99 3.74 -22.80
CA SER B 204 -25.39 4.05 -23.20
C SER B 204 -25.62 3.83 -24.69
N LEU B 205 -24.54 3.86 -25.46
CA LEU B 205 -24.60 3.76 -26.90
C LEU B 205 -24.16 2.37 -27.35
N GLU B 206 -24.02 2.15 -28.65
CA GLU B 206 -23.60 0.84 -29.11
C GLU B 206 -22.08 0.77 -29.21
N ALA B 207 -21.52 -0.43 -29.24
CA ALA B 207 -20.06 -0.59 -29.21
C ALA B 207 -19.37 0.08 -30.41
N LYS B 208 -19.95 -0.05 -31.59
CA LYS B 208 -19.39 0.60 -32.78
C LYS B 208 -19.20 2.11 -32.61
N ASP B 209 -19.96 2.72 -31.71
CA ASP B 209 -19.79 4.15 -31.45
C ASP B 209 -18.46 4.47 -30.75
N TRP B 210 -17.95 3.54 -29.94
CA TRP B 210 -16.65 3.82 -29.33
C TRP B 210 -15.51 2.95 -29.87
N MET B 211 -15.81 1.94 -30.67
CA MET B 211 -14.73 1.09 -31.18
C MET B 211 -13.98 1.75 -32.35
N LYS B 212 -13.15 2.72 -31.99
CA LYS B 212 -12.28 3.43 -32.94
C LYS B 212 -10.92 3.65 -32.29
N PRO B 213 -9.83 3.57 -33.07
CA PRO B 213 -8.48 3.71 -32.53
C PRO B 213 -8.23 5.13 -32.04
N LEU B 214 -7.06 5.41 -31.43
CA LEU B 214 -6.64 6.79 -31.18
C LEU B 214 -6.15 7.39 -32.51
N ILE B 215 -6.45 8.65 -32.74
CA ILE B 215 -5.98 9.32 -33.94
C ILE B 215 -4.90 10.32 -33.58
N ARG B 216 -3.69 10.12 -34.11
CA ARG B 216 -2.54 10.95 -33.79
C ARG B 216 -2.57 12.31 -34.51
N GLY B 217 -2.21 13.34 -33.77
CA GLY B 217 -2.20 14.67 -34.30
C GLY B 217 -0.83 14.92 -34.92
N VAL B 218 -0.27 16.08 -34.63
CA VAL B 218 0.92 16.52 -35.32
C VAL B 218 1.97 17.05 -34.35
N GLU B 219 3.22 16.67 -34.61
CA GLU B 219 4.38 17.18 -33.88
C GLU B 219 4.40 18.69 -33.78
N THR B 220 4.78 19.22 -32.62
CA THR B 220 5.11 20.65 -32.51
C THR B 220 6.57 20.78 -32.13
N ASN B 221 7.03 22.01 -31.96
CA ASN B 221 8.42 22.24 -31.63
C ASN B 221 8.73 22.09 -30.15
N LEU B 222 7.69 21.96 -29.33
CA LEU B 222 7.92 21.71 -27.90
C LEU B 222 8.66 20.38 -27.70
N VAL B 223 9.83 20.44 -27.07
CA VAL B 223 10.61 19.24 -26.73
C VAL B 223 10.09 18.62 -25.44
N GLU B 224 9.82 17.32 -25.43
CA GLU B 224 9.45 16.69 -24.17
C GLU B 224 10.68 16.02 -23.56
N ILE B 225 10.95 16.35 -22.30
CA ILE B 225 11.94 15.59 -21.51
C ILE B 225 11.14 14.80 -20.46
N PRO B 226 10.81 13.55 -20.79
CA PRO B 226 9.66 12.82 -20.22
C PRO B 226 9.64 12.69 -18.67
N ALA B 227 8.50 12.97 -18.07
CA ALA B 227 8.24 12.58 -16.67
C ALA B 227 8.09 11.05 -16.57
N ASN B 228 8.29 10.51 -15.37
CA ASN B 228 8.27 9.06 -15.18
C ASN B 228 7.92 8.77 -13.73
N TRP B 229 6.77 8.14 -13.50
CA TRP B 229 6.38 7.75 -12.14
C TRP B 229 7.47 6.89 -11.49
N TYR B 230 8.17 6.12 -12.33
CA TYR B 230 9.25 5.25 -11.83
C TYR B 230 10.53 6.02 -11.49
N LEU B 231 10.54 7.32 -11.77
CA LEU B 231 11.70 8.15 -11.37
C LEU B 231 11.17 9.42 -10.66
N ASP B 232 10.39 9.19 -9.62
CA ASP B 232 9.70 10.29 -8.95
C ASP B 232 9.67 9.98 -7.45
N ASP B 233 10.27 10.84 -6.65
CA ASP B 233 10.48 10.48 -5.28
C ASP B 233 9.18 10.57 -4.47
N LEU B 234 8.23 11.38 -4.92
CA LEU B 234 7.13 11.77 -4.06
C LEU B 234 6.10 10.65 -3.78
N PRO B 235 5.46 10.06 -4.81
CA PRO B 235 4.41 9.08 -4.45
C PRO B 235 4.89 7.92 -3.56
N PRO B 236 6.00 7.24 -3.90
CA PRO B 236 6.37 6.17 -2.97
C PRO B 236 6.68 6.66 -1.57
N MET B 237 7.20 7.86 -1.43
CA MET B 237 7.83 8.23 -0.16
C MET B 237 7.31 9.49 0.57
N MET B 238 6.25 10.10 0.07
CA MET B 238 5.56 11.08 0.92
C MET B 238 4.23 10.50 1.43
N PHE B 239 4.00 10.63 2.73
CA PHE B 239 2.72 10.21 3.34
C PHE B 239 1.68 11.32 3.22
N ILE B 240 0.49 10.97 2.73
CA ILE B 240 -0.62 11.90 2.54
C ILE B 240 -1.93 11.23 2.97
N LYS B 241 -2.64 11.79 3.93
CA LYS B 241 -3.90 11.17 4.34
C LYS B 241 -5.05 11.56 3.40
N LYS B 242 -4.89 12.69 2.71
CA LYS B 242 -5.93 13.25 1.86
C LYS B 242 -6.04 12.55 0.51
N SER B 243 -5.12 11.63 0.25
CA SER B 243 -5.17 10.82 -0.96
C SER B 243 -5.38 9.37 -0.58
N PRO B 244 -6.24 8.64 -1.31
CA PRO B 244 -6.37 7.21 -1.01
C PRO B 244 -5.28 6.44 -1.74
N ASN B 245 -4.69 7.13 -2.72
CA ASN B 245 -3.61 6.61 -3.53
C ASN B 245 -2.27 7.05 -2.98
N SER B 246 -2.25 7.32 -1.69
CA SER B 246 -1.04 7.75 -1.04
C SER B 246 -0.19 6.56 -0.59
N PHE B 247 1.12 6.73 -0.59
CA PHE B 247 1.97 5.72 0.07
C PHE B 247 2.79 6.42 1.15
N GLY B 248 4.12 6.50 1.01
CA GLY B 248 4.92 7.21 2.00
C GLY B 248 5.96 6.36 2.71
N PHE B 249 5.69 5.06 2.83
CA PHE B 249 6.58 4.21 3.59
C PHE B 249 7.23 3.09 2.80
N VAL B 250 7.21 3.19 1.48
CA VAL B 250 8.12 2.40 0.63
C VAL B 250 9.57 2.69 0.99
N SER B 251 10.36 1.66 1.22
CA SER B 251 11.76 1.87 1.59
C SER B 251 12.57 2.67 0.56
N PRO B 252 13.28 3.73 1.02
CA PRO B 252 14.20 4.46 0.15
C PRO B 252 15.34 3.59 -0.42
N ARG B 253 15.64 2.46 0.22
CA ARG B 253 16.71 1.59 -0.26
C ARG B 253 16.21 0.77 -1.44
N ASP B 254 14.96 0.35 -1.34
CA ASP B 254 14.28 -0.32 -2.45
C ASP B 254 14.10 0.60 -3.65
N ILE B 255 13.80 1.87 -3.39
CA ILE B 255 13.59 2.82 -4.48
C ILE B 255 14.93 3.17 -5.14
N GLY B 256 15.95 3.39 -4.31
CA GLY B 256 17.29 3.68 -4.80
C GLY B 256 17.77 2.54 -5.67
N GLN B 257 17.53 1.30 -5.24
CA GLN B 257 17.90 0.14 -6.03
C GLN B 257 17.17 0.15 -7.38
N MET B 258 15.87 0.40 -7.34
CA MET B 258 15.06 0.41 -8.56
C MET B 258 15.50 1.52 -9.51
N TRP B 259 15.92 2.67 -8.97
CA TRP B 259 16.42 3.76 -9.82
C TRP B 259 17.80 3.43 -10.42
N ILE B 260 18.64 2.76 -9.66
CA ILE B 260 19.92 2.31 -10.20
C ILE B 260 19.74 1.23 -11.27
N ASP B 261 18.80 0.31 -11.02
CA ASP B 261 18.50 -0.74 -11.99
C ASP B 261 18.03 -0.14 -13.31
N GLN B 262 17.26 0.93 -13.23
CA GLN B 262 16.79 1.62 -14.43
C GLN B 262 17.96 2.20 -15.20
N PHE B 263 18.88 2.83 -14.49
CA PHE B 263 20.11 3.36 -15.07
C PHE B 263 20.99 2.24 -15.62
N ASP B 264 21.04 1.13 -14.90
CA ASP B 264 21.92 0.03 -15.31
C ASP B 264 21.46 -0.58 -16.63
N TRP B 265 20.14 -0.77 -16.78
CA TRP B 265 19.59 -1.23 -18.04
C TRP B 265 19.86 -0.20 -19.14
N VAL B 266 19.63 1.07 -18.82
CA VAL B 266 19.77 2.12 -19.83
C VAL B 266 21.21 2.21 -20.34
N TYR B 267 22.17 2.27 -19.42
CA TYR B 267 23.57 2.34 -19.82
C TYR B 267 23.96 1.15 -20.71
N ARG B 268 23.42 -0.04 -20.44
CA ARG B 268 23.75 -1.24 -21.20
C ARG B 268 23.00 -1.41 -22.56
N GLU B 269 21.86 -0.76 -22.72
CA GLU B 269 21.03 -0.98 -23.90
C GLU B 269 20.98 0.20 -24.87
N MET B 270 21.44 1.37 -24.43
CA MET B 270 21.39 2.56 -25.26
C MET B 270 22.72 3.29 -25.27
N ASP B 271 23.07 3.87 -26.42
CA ASP B 271 24.27 4.69 -26.57
C ASP B 271 24.02 6.15 -26.25
N TYR B 272 22.89 6.67 -26.74
CA TYR B 272 22.43 8.00 -26.36
C TYR B 272 21.16 7.88 -25.55
N ALA B 273 21.08 8.62 -24.45
CA ALA B 273 19.92 8.57 -23.58
C ALA B 273 19.87 9.78 -22.65
N VAL B 274 18.66 10.11 -22.20
CA VAL B 274 18.51 11.07 -21.09
C VAL B 274 17.87 10.37 -19.88
N PHE B 275 18.51 10.55 -18.73
CA PHE B 275 18.05 9.90 -17.51
C PHE B 275 17.77 10.95 -16.49
N SER B 276 16.52 11.42 -16.41
CA SER B 276 16.27 12.51 -15.49
C SER B 276 15.47 12.00 -14.30
N MET B 277 15.79 12.51 -13.12
CA MET B 277 15.08 12.09 -11.94
C MET B 277 14.33 13.26 -11.37
N THR B 278 13.05 13.02 -11.09
CA THR B 278 12.21 14.04 -10.53
C THR B 278 12.25 13.92 -9.02
N ILE B 279 12.69 14.98 -8.36
CA ILE B 279 12.67 14.96 -6.90
C ILE B 279 11.97 16.19 -6.35
N HIS B 280 11.76 16.18 -5.04
CA HIS B 280 11.14 17.30 -4.34
C HIS B 280 11.94 17.51 -3.06
N PRO B 281 12.11 18.78 -2.66
CA PRO B 281 12.77 19.03 -1.38
C PRO B 281 11.94 18.45 -0.26
N ASP B 282 10.62 18.45 -0.44
CA ASP B 282 9.69 17.74 0.45
C ASP B 282 10.19 16.35 0.84
N VAL B 283 10.63 15.59 -0.16
CA VAL B 283 10.94 14.18 0.05
C VAL B 283 12.44 13.88 -0.02
N SER B 284 13.13 14.50 -0.96
CA SER B 284 14.51 14.11 -1.20
C SER B 284 15.49 14.82 -0.28
N ALA B 285 14.98 15.76 0.54
CA ALA B 285 15.81 16.44 1.53
C ALA B 285 15.65 15.79 2.91
N ARG B 286 14.91 14.70 2.96
CA ARG B 286 14.88 13.89 4.17
C ARG B 286 16.14 13.05 4.19
N PRO B 287 16.85 13.08 5.32
CA PRO B 287 18.12 12.38 5.54
C PRO B 287 18.19 10.98 4.92
N GLN B 288 17.12 10.20 5.00
CA GLN B 288 17.20 8.81 4.52
C GLN B 288 17.17 8.78 3.01
N VAL B 289 16.56 9.77 2.39
CA VAL B 289 16.51 9.86 0.93
C VAL B 289 17.76 10.56 0.38
N LEU B 290 18.34 11.43 1.21
CA LEU B 290 19.60 12.09 0.85
C LEU B 290 20.67 11.02 0.71
N LEU B 291 20.62 10.07 1.65
CA LEU B 291 21.52 8.93 1.66
C LEU B 291 21.32 8.14 0.39
N MET B 292 20.06 7.78 0.12
CA MET B 292 19.70 7.12 -1.13
C MET B 292 20.37 7.79 -2.33
N HIS B 293 20.25 9.11 -2.43
CA HIS B 293 20.76 9.80 -3.60
C HIS B 293 22.28 9.72 -3.69
N GLU B 294 22.94 9.84 -2.54
CA GLU B 294 24.39 9.69 -2.49
C GLU B 294 24.83 8.39 -3.15
N LYS B 295 24.15 7.29 -2.81
CA LYS B 295 24.42 6.01 -3.47
C LYS B 295 24.18 6.11 -4.97
N ILE B 296 22.98 6.55 -5.34
CA ILE B 296 22.61 6.70 -6.75
C ILE B 296 23.62 7.54 -7.52
N ILE B 297 24.05 8.65 -6.92
CA ILE B 297 25.00 9.55 -7.59
C ILE B 297 26.37 8.90 -7.78
N GLU B 298 26.88 8.30 -6.71
CA GLU B 298 28.20 7.65 -6.76
C GLU B 298 28.17 6.51 -7.75
N HIS B 299 27.11 5.70 -7.70
CA HIS B 299 26.97 4.59 -8.66
C HIS B 299 26.97 5.11 -10.10
N ILE B 300 26.24 6.19 -10.36
CA ILE B 300 26.16 6.73 -11.72
C ILE B 300 27.51 7.30 -12.16
N ASN B 301 28.28 7.81 -11.21
CA ASN B 301 29.62 8.35 -11.52
C ASN B 301 30.71 7.29 -11.79
N LYS B 302 30.44 6.04 -11.43
CA LYS B 302 31.33 4.93 -11.82
C LYS B 302 31.31 4.70 -13.32
N HIS B 303 30.27 5.19 -13.99
CA HIS B 303 30.06 4.89 -15.39
C HIS B 303 30.63 6.00 -16.26
N GLU B 304 31.39 5.62 -17.29
CA GLU B 304 31.95 6.61 -18.18
C GLU B 304 31.02 6.84 -19.37
N GLY B 305 31.01 8.05 -19.91
CA GLY B 305 30.03 8.40 -20.92
C GLY B 305 28.89 9.24 -20.35
N VAL B 306 28.83 9.29 -19.01
CA VAL B 306 27.80 10.03 -18.28
C VAL B 306 28.10 11.53 -18.21
N ARG B 307 27.12 12.36 -18.57
CA ARG B 307 27.25 13.81 -18.44
C ARG B 307 26.14 14.38 -17.58
N TRP B 308 26.51 14.99 -16.45
CA TRP B 308 25.53 15.64 -15.57
C TRP B 308 25.16 17.00 -16.13
N VAL B 309 23.88 17.17 -16.50
CA VAL B 309 23.46 18.40 -17.16
C VAL B 309 22.19 19.01 -16.56
N THR B 310 21.80 20.18 -17.08
CA THR B 310 20.50 20.75 -16.76
C THR B 310 19.52 20.35 -17.82
N PHE B 311 18.24 20.67 -17.58
CA PHE B 311 17.19 20.31 -18.51
C PHE B 311 17.31 21.16 -19.79
N ASN B 312 17.62 22.44 -19.61
CA ASN B 312 17.87 23.32 -20.76
C ASN B 312 18.96 22.79 -21.68
N GLU B 313 20.00 22.20 -21.10
CA GLU B 313 21.11 21.67 -21.91
C GLU B 313 20.71 20.40 -22.64
N ILE B 314 19.80 19.62 -22.06
CA ILE B 314 19.29 18.42 -22.73
C ILE B 314 18.43 18.85 -23.92
N ALA B 315 17.52 19.78 -23.66
CA ALA B 315 16.68 20.33 -24.72
C ALA B 315 17.53 20.89 -25.85
N ASP B 316 18.46 21.80 -25.54
CA ASP B 316 19.40 22.33 -26.54
C ASP B 316 20.12 21.21 -27.28
N ASP B 317 20.65 20.25 -26.53
CA ASP B 317 21.26 19.07 -27.14
C ASP B 317 20.30 18.40 -28.13
N PHE B 318 19.10 18.03 -27.69
CA PHE B 318 18.10 17.39 -28.57
C PHE B 318 17.80 18.19 -29.85
N LEU B 319 17.62 19.50 -29.72
CA LEU B 319 17.29 20.34 -30.87
C LEU B 319 18.43 20.37 -31.88
N LYS B 320 19.65 20.16 -31.39
CA LYS B 320 20.78 20.02 -32.28
C LYS B 320 20.82 18.60 -32.86
N ARG B 321 20.53 17.63 -32.00
CA ARG B 321 20.59 16.20 -32.34
C ARG B 321 19.76 15.87 -33.57
N ASN B 322 18.53 16.37 -33.62
CA ASN B 322 17.67 16.13 -34.78
C ASN B 322 16.62 17.22 -34.98
N PRO B 323 16.92 18.18 -35.88
CA PRO B 323 16.05 19.29 -36.25
C PRO B 323 14.77 18.84 -36.96
N ARG B 324 14.02 19.81 -37.47
CA ARG B 324 12.67 19.60 -38.03
C ARG B 324 11.70 19.13 -36.93
N ALA C 35 11.90 -25.61 31.11
CA ALA C 35 10.98 -24.59 31.62
C ALA C 35 10.09 -24.03 30.52
N LYS C 36 10.16 -24.62 29.34
CA LYS C 36 9.46 -24.02 28.22
C LYS C 36 8.29 -24.87 27.72
N GLU C 37 7.13 -24.25 27.72
CA GLU C 37 5.90 -24.83 27.20
C GLU C 37 5.32 -23.85 26.18
N ILE C 38 5.74 -23.98 24.93
CA ILE C 38 5.23 -23.15 23.86
C ILE C 38 4.20 -23.94 23.06
N LEU C 39 2.94 -23.49 23.14
CA LEU C 39 1.88 -24.17 22.40
C LEU C 39 1.71 -23.47 21.05
N VAL C 40 1.83 -24.23 19.96
CA VAL C 40 1.89 -23.67 18.60
C VAL C 40 0.80 -24.27 17.72
N ALA C 41 0.05 -23.43 17.02
CA ALA C 41 -1.08 -23.94 16.26
C ALA C 41 -1.36 -23.20 14.93
N TYR C 42 -1.84 -23.95 13.94
CA TYR C 42 -2.42 -23.33 12.75
C TYR C 42 -3.94 -23.34 12.85
N GLY C 43 -4.52 -22.17 12.64
CA GLY C 43 -5.97 -22.05 12.58
C GLY C 43 -6.29 -21.76 11.14
N VAL C 44 -6.94 -22.70 10.48
CA VAL C 44 -7.25 -22.52 9.07
C VAL C 44 -8.69 -22.09 8.85
N ASP C 45 -8.88 -20.83 8.46
CA ASP C 45 -10.21 -20.33 8.16
C ASP C 45 -10.54 -20.59 6.70
N ILE C 46 -11.42 -21.56 6.44
CA ILE C 46 -11.71 -21.93 5.05
C ILE C 46 -12.68 -20.92 4.42
N ASP C 47 -12.19 -19.73 4.15
CA ASP C 47 -13.02 -18.66 3.60
C ASP C 47 -13.57 -19.01 2.21
N ALA C 48 -12.68 -19.44 1.31
CA ALA C 48 -13.12 -19.93 0.00
C ALA C 48 -14.15 -19.00 -0.63
N VAL C 49 -15.26 -19.60 -1.03
CA VAL C 49 -16.36 -18.86 -1.62
C VAL C 49 -17.11 -18.03 -0.59
N ALA C 50 -17.26 -18.58 0.62
CA ALA C 50 -18.00 -17.90 1.68
C ALA C 50 -17.41 -16.51 1.89
N GLY C 51 -16.09 -16.43 1.99
CA GLY C 51 -15.42 -15.14 2.15
C GLY C 51 -15.80 -14.09 1.12
N TRP C 52 -15.93 -14.51 -0.13
CA TRP C 52 -16.24 -13.55 -1.17
C TRP C 52 -17.71 -13.11 -1.13
N LEU C 53 -18.61 -13.98 -0.65
CA LEU C 53 -20.03 -13.60 -0.53
C LEU C 53 -20.31 -12.67 0.66
N GLY C 54 -19.60 -12.87 1.77
CA GLY C 54 -19.87 -12.09 2.97
C GLY C 54 -18.98 -10.89 3.26
N SER C 55 -17.69 -10.99 2.92
CA SER C 55 -16.71 -10.06 3.43
C SER C 55 -15.92 -9.29 2.36
N TYR C 56 -15.57 -9.96 1.27
CA TYR C 56 -14.58 -9.40 0.36
C TYR C 56 -15.11 -8.84 -0.95
N GLY C 57 -16.43 -8.63 -1.06
CA GLY C 57 -17.06 -7.96 -2.18
C GLY C 57 -17.08 -8.69 -3.54
N GLY C 58 -17.03 -10.02 -3.51
CA GLY C 58 -16.97 -10.80 -4.73
C GLY C 58 -18.29 -11.43 -5.16
N GLU C 59 -19.40 -11.00 -4.56
CA GLU C 59 -20.67 -11.69 -4.79
C GLU C 59 -21.15 -11.63 -6.26
N ASP C 60 -20.76 -10.58 -7.00
CA ASP C 60 -21.12 -10.43 -8.42
C ASP C 60 -19.94 -10.64 -9.34
N SER C 61 -18.92 -11.36 -8.86
CA SER C 61 -17.71 -11.61 -9.65
C SER C 61 -17.45 -13.11 -9.87
N PRO C 62 -17.78 -13.60 -11.07
CA PRO C 62 -17.42 -14.97 -11.45
C PRO C 62 -15.95 -15.25 -11.16
N ASP C 63 -15.09 -14.28 -11.41
CA ASP C 63 -13.67 -14.45 -11.20
C ASP C 63 -13.29 -14.64 -9.71
N ASP C 64 -13.85 -13.83 -8.81
CA ASP C 64 -13.58 -13.98 -7.36
C ASP C 64 -14.12 -15.31 -6.83
N ILE C 65 -15.28 -15.69 -7.36
CA ILE C 65 -15.95 -16.93 -6.99
C ILE C 65 -15.07 -18.12 -7.36
N SER C 66 -14.41 -18.03 -8.52
CA SER C 66 -13.53 -19.11 -8.96
C SER C 66 -12.29 -19.19 -8.05
N ARG C 67 -11.85 -18.05 -7.53
CA ARG C 67 -10.75 -18.06 -6.55
C ARG C 67 -11.22 -18.76 -5.27
N GLY C 68 -12.50 -18.54 -4.92
CA GLY C 68 -13.10 -19.24 -3.80
C GLY C 68 -13.07 -20.75 -3.98
N LEU C 69 -13.27 -21.20 -5.22
CA LEU C 69 -13.29 -22.63 -5.53
C LEU C 69 -11.88 -23.21 -5.51
N PHE C 70 -10.92 -22.40 -5.94
CA PHE C 70 -9.52 -22.79 -5.81
C PHE C 70 -9.19 -23.14 -4.36
N ALA C 71 -9.62 -22.29 -3.44
CA ALA C 71 -9.26 -22.45 -2.05
C ALA C 71 -9.80 -23.77 -1.49
N GLY C 72 -11.02 -24.14 -1.88
CA GLY C 72 -11.61 -25.38 -1.42
C GLY C 72 -11.08 -26.59 -2.15
N GLU C 73 -11.17 -26.56 -3.47
CA GLU C 73 -10.83 -27.73 -4.25
C GLU C 73 -9.32 -28.02 -4.30
N VAL C 74 -8.54 -26.96 -4.45
CA VAL C 74 -7.09 -27.10 -4.54
C VAL C 74 -6.40 -26.79 -3.21
N GLY C 75 -6.89 -25.77 -2.51
CA GLY C 75 -6.21 -25.25 -1.33
C GLY C 75 -6.25 -26.16 -0.11
N ILE C 76 -7.41 -26.77 0.15
CA ILE C 76 -7.52 -27.67 1.30
C ILE C 76 -6.55 -28.86 1.21
N PRO C 77 -6.50 -29.57 0.06
CA PRO C 77 -5.55 -30.68 0.00
C PRO C 77 -4.07 -30.27 0.06
N ARG C 78 -3.71 -29.10 -0.42
CA ARG C 78 -2.30 -28.71 -0.38
C ARG C 78 -1.87 -28.37 1.05
N LEU C 79 -2.78 -27.81 1.85
CA LEU C 79 -2.45 -27.52 3.25
C LEU C 79 -2.43 -28.81 4.04
N LEU C 80 -3.28 -29.76 3.66
CA LEU C 80 -3.33 -31.06 4.32
C LEU C 80 -2.05 -31.83 4.06
N LYS C 81 -1.56 -31.73 2.81
CA LYS C 81 -0.28 -32.31 2.43
C LYS C 81 0.83 -31.62 3.20
N LEU C 82 0.73 -30.30 3.35
CA LEU C 82 1.73 -29.58 4.13
C LEU C 82 1.78 -30.08 5.58
N PHE C 83 0.62 -30.15 6.22
CA PHE C 83 0.59 -30.60 7.61
C PHE C 83 1.07 -32.05 7.77
N LYS C 84 0.61 -32.93 6.88
CA LYS C 84 0.98 -34.34 6.94
C LYS C 84 2.49 -34.52 6.87
N LYS C 85 3.13 -33.75 6.00
CA LYS C 85 4.59 -33.74 5.83
C LYS C 85 5.35 -33.46 7.12
N TYR C 86 4.83 -32.55 7.95
CA TYR C 86 5.49 -32.20 9.20
C TYR C 86 4.78 -32.77 10.42
N HIS C 87 3.84 -33.70 10.18
CA HIS C 87 3.11 -34.42 11.23
C HIS C 87 2.41 -33.47 12.20
N LEU C 88 1.89 -32.37 11.66
CA LEU C 88 1.24 -31.35 12.47
C LEU C 88 -0.24 -31.61 12.59
N PRO C 89 -0.80 -31.37 13.78
CA PRO C 89 -2.25 -31.27 13.93
C PRO C 89 -2.73 -29.89 13.42
N ALA C 90 -4.04 -29.70 13.27
CA ALA C 90 -4.55 -28.39 12.93
C ALA C 90 -6.07 -28.29 13.24
N THR C 91 -6.53 -27.06 13.39
CA THR C 91 -7.94 -26.77 13.54
C THR C 91 -8.42 -26.01 12.31
N TRP C 92 -9.51 -26.48 11.74
CA TRP C 92 -10.11 -25.85 10.57
C TRP C 92 -11.42 -25.23 11.02
N PHE C 93 -11.52 -23.91 10.89
CA PHE C 93 -12.75 -23.21 11.20
C PHE C 93 -13.51 -23.05 9.88
N VAL C 94 -14.62 -23.77 9.73
CA VAL C 94 -15.25 -23.89 8.42
C VAL C 94 -16.63 -23.27 8.35
N PRO C 95 -16.77 -22.22 7.53
CA PRO C 95 -18.10 -21.67 7.22
C PRO C 95 -19.01 -22.77 6.69
N GLY C 96 -20.27 -22.79 7.13
CA GLY C 96 -21.23 -23.75 6.64
C GLY C 96 -21.29 -23.82 5.12
N HIS C 97 -21.08 -22.69 4.46
CA HIS C 97 -21.02 -22.65 3.01
C HIS C 97 -19.93 -23.59 2.48
N SER C 98 -18.74 -23.50 3.06
CA SER C 98 -17.62 -24.32 2.62
C SER C 98 -17.81 -25.81 2.90
N ILE C 99 -18.45 -26.13 4.03
CA ILE C 99 -18.71 -27.52 4.39
C ILE C 99 -19.53 -28.21 3.31
N GLU C 100 -20.62 -27.57 2.93
CA GLU C 100 -21.56 -28.09 1.95
C GLU C 100 -21.13 -27.89 0.48
N THR C 101 -20.12 -27.04 0.25
CA THR C 101 -19.65 -26.78 -1.12
C THR C 101 -18.44 -27.65 -1.40
N PHE C 102 -17.72 -28.02 -0.35
CA PHE C 102 -16.57 -28.87 -0.53
C PHE C 102 -16.66 -30.15 0.33
N PRO C 103 -17.71 -30.97 0.10
CA PRO C 103 -17.92 -32.11 0.99
C PRO C 103 -16.76 -33.11 0.95
N GLU C 104 -16.20 -33.36 -0.22
CA GLU C 104 -15.08 -34.30 -0.31
C GLU C 104 -13.79 -33.80 0.33
N GLN C 105 -13.57 -32.50 0.34
CA GLN C 105 -12.38 -31.98 1.00
C GLN C 105 -12.59 -31.99 2.50
N MET C 106 -13.86 -31.90 2.89
CA MET C 106 -14.25 -31.99 4.30
C MET C 106 -13.90 -33.32 4.91
N LYS C 107 -14.16 -34.39 4.16
CA LYS C 107 -13.83 -35.76 4.55
C LYS C 107 -12.34 -35.90 4.78
N MET C 108 -11.57 -35.24 3.92
CA MET C 108 -10.12 -35.29 4.02
C MET C 108 -9.66 -34.62 5.30
N ILE C 109 -10.37 -33.59 5.72
CA ILE C 109 -10.01 -32.88 6.95
C ILE C 109 -10.36 -33.74 8.18
N VAL C 110 -11.55 -34.33 8.17
CA VAL C 110 -11.98 -35.16 9.28
C VAL C 110 -11.06 -36.38 9.37
N ASP C 111 -10.91 -37.08 8.25
CA ASP C 111 -10.19 -38.35 8.19
C ASP C 111 -8.72 -38.21 8.56
N ALA C 112 -8.17 -37.00 8.44
CA ALA C 112 -6.81 -36.75 8.90
C ALA C 112 -6.79 -36.54 10.42
N GLY C 113 -7.96 -36.48 11.04
CA GLY C 113 -8.01 -36.37 12.50
C GLY C 113 -7.88 -34.95 13.02
N HIS C 114 -8.13 -33.97 12.16
CA HIS C 114 -8.05 -32.57 12.55
C HIS C 114 -9.33 -32.05 13.20
N GLU C 115 -9.20 -30.93 13.91
CA GLU C 115 -10.32 -30.34 14.63
C GLU C 115 -11.11 -29.41 13.69
N VAL C 116 -12.44 -29.43 13.82
CA VAL C 116 -13.31 -28.55 13.05
C VAL C 116 -14.06 -27.56 13.95
N GLY C 117 -13.93 -26.27 13.67
CA GLY C 117 -14.66 -25.24 14.39
C GLY C 117 -15.60 -24.47 13.48
N ALA C 118 -16.43 -23.60 14.05
CA ALA C 118 -17.42 -22.89 13.26
C ALA C 118 -16.86 -21.57 12.71
N HIS C 119 -17.50 -21.00 11.69
CA HIS C 119 -17.02 -19.74 11.09
C HIS C 119 -18.13 -19.11 10.25
N GLY C 120 -19.36 -19.09 10.76
CA GLY C 120 -20.50 -18.57 10.01
C GLY C 120 -21.02 -19.56 8.99
N TYR C 121 -21.94 -19.12 8.16
CA TYR C 121 -22.28 -19.89 6.98
C TYR C 121 -21.60 -19.28 5.76
N SER C 122 -22.06 -18.11 5.33
CA SER C 122 -21.47 -17.44 4.18
C SER C 122 -20.57 -16.28 4.62
N HIS C 123 -19.81 -16.52 5.69
CA HIS C 123 -18.81 -15.58 6.17
C HIS C 123 -19.45 -14.22 6.49
N GLU C 124 -20.59 -14.25 7.18
CA GLU C 124 -21.33 -13.03 7.47
C GLU C 124 -20.65 -12.30 8.58
N ASN C 125 -20.57 -10.98 8.45
CA ASN C 125 -20.02 -10.18 9.52
C ASN C 125 -21.11 -10.08 10.58
N PRO C 126 -20.84 -10.60 11.80
CA PRO C 126 -21.87 -10.67 12.84
C PRO C 126 -22.51 -9.32 13.18
N ILE C 127 -21.72 -8.26 13.06
CA ILE C 127 -22.17 -6.93 13.47
C ILE C 127 -23.23 -6.36 12.54
N ALA C 128 -23.29 -6.87 11.32
CA ALA C 128 -24.32 -6.46 10.35
C ALA C 128 -25.59 -7.31 10.45
N MET C 129 -25.49 -8.45 11.13
CA MET C 129 -26.62 -9.36 11.25
C MET C 129 -27.55 -9.01 12.42
N SER C 130 -28.81 -9.40 12.29
CA SER C 130 -29.75 -9.40 13.40
C SER C 130 -29.37 -10.43 14.47
N THR C 131 -30.02 -10.35 15.63
CA THR C 131 -29.78 -11.32 16.70
C THR C 131 -30.18 -12.72 16.26
N LYS C 132 -31.37 -12.80 15.66
CA LYS C 132 -31.88 -14.07 15.19
C LYS C 132 -31.07 -14.60 14.02
N GLN C 133 -30.72 -13.73 13.09
CA GLN C 133 -29.89 -14.12 11.94
C GLN C 133 -28.57 -14.68 12.45
N GLU C 134 -27.96 -13.97 13.39
CA GLU C 134 -26.69 -14.42 13.90
C GLU C 134 -26.89 -15.72 14.67
N GLU C 135 -28.01 -15.83 15.38
CA GLU C 135 -28.27 -17.04 16.14
C GLU C 135 -28.54 -18.22 15.20
N ASP C 136 -29.36 -17.99 14.18
CA ASP C 136 -29.65 -19.00 13.18
C ASP C 136 -28.40 -19.50 12.48
N VAL C 137 -27.52 -18.56 12.14
CA VAL C 137 -26.27 -18.90 11.48
C VAL C 137 -25.48 -19.83 12.39
N LEU C 138 -25.47 -19.48 13.67
CA LEU C 138 -24.73 -20.24 14.66
C LEU C 138 -25.35 -21.62 14.85
N LEU C 139 -26.67 -21.71 14.83
CA LEU C 139 -27.33 -23.02 14.92
C LEU C 139 -26.92 -23.94 13.77
N LYS C 140 -27.05 -23.41 12.55
CA LYS C 140 -26.75 -24.18 11.35
C LYS C 140 -25.29 -24.62 11.34
N SER C 141 -24.38 -23.73 11.75
CA SER C 141 -22.97 -24.10 11.79
C SER C 141 -22.74 -25.30 12.69
N VAL C 142 -23.38 -25.28 13.86
CA VAL C 142 -23.24 -26.37 14.82
C VAL C 142 -23.78 -27.71 14.27
N GLU C 143 -24.99 -27.65 13.72
CA GLU C 143 -25.64 -28.82 13.13
C GLU C 143 -24.79 -29.47 12.04
N LEU C 144 -24.22 -28.61 11.19
CA LEU C 144 -23.42 -29.04 10.07
C LEU C 144 -22.11 -29.70 10.51
N ILE C 145 -21.50 -29.15 11.55
CA ILE C 145 -20.22 -29.67 12.01
C ILE C 145 -20.46 -30.96 12.79
N LYS C 146 -21.59 -31.02 13.49
CA LYS C 146 -21.95 -32.23 14.23
C LYS C 146 -22.23 -33.39 13.26
N ASP C 147 -23.01 -33.12 12.21
CA ASP C 147 -23.33 -34.12 11.18
C ASP C 147 -22.09 -34.57 10.40
N LEU C 148 -21.04 -33.77 10.44
CA LEU C 148 -19.82 -34.03 9.71
C LEU C 148 -18.74 -34.77 10.51
N THR C 149 -18.63 -34.39 11.78
CA THR C 149 -17.55 -34.88 12.61
C THR C 149 -18.06 -35.86 13.63
N GLY C 150 -19.34 -35.75 13.98
CA GLY C 150 -19.93 -36.56 15.04
C GLY C 150 -20.11 -35.81 16.36
N LYS C 151 -19.25 -34.81 16.59
CA LYS C 151 -19.30 -33.98 17.80
C LYS C 151 -19.61 -32.51 17.49
N ALA C 152 -20.20 -31.82 18.46
CA ALA C 152 -20.46 -30.39 18.36
C ALA C 152 -19.14 -29.61 18.37
N PRO C 153 -19.09 -28.46 17.68
CA PRO C 153 -17.82 -27.72 17.72
C PRO C 153 -17.57 -27.08 19.08
N THR C 154 -16.31 -26.97 19.45
CA THR C 154 -15.92 -26.26 20.66
C THR C 154 -15.24 -24.92 20.36
N GLY C 155 -14.97 -24.66 19.09
CA GLY C 155 -14.25 -23.46 18.68
C GLY C 155 -14.99 -22.59 17.68
N TYR C 156 -14.79 -21.28 17.78
CA TYR C 156 -15.46 -20.33 16.87
C TYR C 156 -14.52 -19.22 16.44
N VAL C 157 -14.56 -18.87 15.15
CA VAL C 157 -13.92 -17.64 14.71
C VAL C 157 -14.98 -16.74 14.07
N ALA C 158 -15.09 -15.49 14.52
CA ALA C 158 -16.03 -14.58 13.89
C ALA C 158 -15.48 -14.15 12.54
N PRO C 159 -16.31 -14.24 11.49
CA PRO C 159 -15.92 -13.81 10.15
C PRO C 159 -15.40 -12.38 10.11
N TRP C 160 -14.23 -12.19 9.51
CA TRP C 160 -13.60 -10.87 9.38
C TRP C 160 -13.33 -10.30 10.78
N TRP C 161 -13.38 -11.17 11.78
CA TRP C 161 -13.02 -10.85 13.17
C TRP C 161 -13.80 -9.68 13.78
N GLU C 162 -15.13 -9.77 13.77
CA GLU C 162 -15.96 -8.75 14.42
C GLU C 162 -17.00 -9.38 15.32
N PHE C 163 -17.18 -8.81 16.52
CA PHE C 163 -18.11 -9.32 17.52
C PHE C 163 -19.42 -8.48 17.55
N SER C 164 -20.24 -8.61 18.59
CA SER C 164 -21.47 -7.81 18.71
C SER C 164 -22.20 -8.12 20.02
N ASN C 165 -22.60 -9.38 20.14
CA ASN C 165 -23.14 -9.94 21.38
C ASN C 165 -22.89 -11.45 21.26
N ILE C 166 -21.71 -11.76 20.74
CA ILE C 166 -21.33 -13.12 20.35
C ILE C 166 -21.00 -13.96 21.57
N THR C 167 -20.34 -13.34 22.55
CA THR C 167 -19.91 -14.03 23.77
C THR C 167 -21.08 -14.80 24.34
N ASN C 168 -22.17 -14.07 24.54
CA ASN C 168 -23.40 -14.60 25.12
C ASN C 168 -23.95 -15.74 24.24
N GLU C 169 -23.87 -15.58 22.93
CA GLU C 169 -24.38 -16.62 22.04
C GLU C 169 -23.48 -17.84 22.02
N LEU C 170 -22.17 -17.64 22.05
CA LEU C 170 -21.24 -18.76 22.05
C LEU C 170 -21.52 -19.65 23.26
N LEU C 171 -21.66 -19.04 24.44
CA LEU C 171 -21.90 -19.81 25.65
C LEU C 171 -23.29 -20.45 25.66
N LEU C 172 -24.27 -19.78 25.07
CA LEU C 172 -25.62 -20.32 25.04
C LEU C 172 -25.72 -21.53 24.11
N LYS C 173 -25.17 -21.43 22.90
CA LYS C 173 -25.31 -22.50 21.89
C LYS C 173 -24.36 -23.63 22.19
N HIS C 174 -24.36 -23.99 23.47
CA HIS C 174 -23.66 -25.14 24.01
C HIS C 174 -22.25 -25.17 23.45
N GLY C 175 -21.69 -26.38 23.39
CA GLY C 175 -20.35 -26.59 22.93
C GLY C 175 -19.39 -25.49 23.31
N PHE C 176 -19.57 -24.34 22.66
CA PHE C 176 -18.47 -23.41 22.43
C PHE C 176 -17.69 -23.08 23.67
N LYS C 177 -16.46 -23.57 23.61
CA LYS C 177 -15.48 -23.54 24.68
C LYS C 177 -14.62 -22.30 24.53
N TYR C 178 -14.25 -22.00 23.29
CA TYR C 178 -13.29 -20.95 23.02
C TYR C 178 -13.62 -20.17 21.77
N ASP C 179 -13.18 -18.92 21.73
CA ASP C 179 -13.27 -18.10 20.54
C ASP C 179 -11.87 -17.65 20.15
N HIS C 180 -11.69 -17.37 18.87
CA HIS C 180 -10.39 -16.96 18.36
C HIS C 180 -10.59 -15.73 17.49
N SER C 181 -11.20 -14.71 18.06
CA SER C 181 -11.61 -13.53 17.29
C SER C 181 -11.12 -12.25 17.91
N LEU C 182 -10.82 -12.28 19.19
CA LEU C 182 -10.58 -11.06 19.95
C LEU C 182 -9.10 -10.79 20.22
N MET C 183 -8.78 -9.56 20.59
CA MET C 183 -7.39 -9.10 20.63
C MET C 183 -7.00 -8.31 21.88
N HIS C 184 -7.60 -8.63 23.01
CA HIS C 184 -7.20 -8.03 24.28
C HIS C 184 -5.77 -8.46 24.64
N ASN C 185 -5.33 -9.60 24.12
CA ASN C 185 -3.97 -10.08 24.40
C ASN C 185 -3.39 -10.69 23.12
N ASP C 186 -2.11 -11.06 23.13
CA ASP C 186 -1.55 -11.60 21.87
C ASP C 186 -1.08 -13.04 22.11
N PHE C 187 -0.17 -13.28 23.05
CA PHE C 187 0.36 -14.64 23.19
C PHE C 187 0.08 -15.30 24.55
N THR C 188 -1.03 -14.89 25.17
CA THR C 188 -1.57 -15.53 26.37
C THR C 188 -3.08 -15.54 26.24
N PRO C 189 -3.70 -16.72 26.41
CA PRO C 189 -5.17 -16.79 26.42
C PRO C 189 -5.74 -16.06 27.64
N TYR C 190 -7.05 -15.86 27.65
CA TYR C 190 -7.72 -15.21 28.76
C TYR C 190 -9.22 -15.50 28.69
N TYR C 191 -9.96 -15.15 29.72
CA TYR C 191 -11.42 -15.29 29.73
C TYR C 191 -12.07 -14.03 29.23
N VAL C 192 -13.02 -14.15 28.31
CA VAL C 192 -13.60 -12.99 27.66
C VAL C 192 -14.58 -12.31 28.59
N ARG C 193 -14.47 -10.98 28.71
CA ARG C 193 -15.42 -10.19 29.48
C ARG C 193 -16.63 -9.83 28.60
N VAL C 194 -17.81 -9.95 29.19
CA VAL C 194 -19.00 -9.48 28.52
C VAL C 194 -19.33 -8.14 29.16
N GLY C 195 -19.95 -7.24 28.40
CA GLY C 195 -20.49 -6.01 28.97
C GLY C 195 -19.60 -4.79 29.08
N ASP C 196 -18.43 -4.83 28.46
CA ASP C 196 -17.59 -3.63 28.41
C ASP C 196 -18.41 -2.53 27.76
N SER C 197 -18.32 -1.32 28.30
CA SER C 197 -19.00 -0.19 27.68
C SER C 197 -18.04 1.01 27.56
N TRP C 198 -18.41 1.97 26.72
CA TRP C 198 -17.56 3.11 26.48
C TRP C 198 -18.41 4.25 25.92
N SER C 199 -17.93 5.47 26.05
CA SER C 199 -18.68 6.63 25.56
C SER C 199 -18.16 7.10 24.22
N LYS C 200 -19.01 7.13 23.20
CA LYS C 200 -18.61 7.64 21.89
C LYS C 200 -18.51 9.15 21.92
N ILE C 201 -17.63 9.69 21.09
CA ILE C 201 -17.57 11.14 20.90
C ILE C 201 -18.82 11.59 20.12
N ASP C 202 -19.52 12.57 20.66
CA ASP C 202 -20.63 13.19 19.93
C ASP C 202 -20.32 14.69 19.88
N TYR C 203 -19.88 15.18 18.73
CA TYR C 203 -19.48 16.57 18.61
C TYR C 203 -20.66 17.58 18.66
N SER C 204 -21.89 17.09 18.75
CA SER C 204 -23.06 17.97 18.89
C SER C 204 -23.31 18.32 20.35
N LEU C 205 -22.59 17.64 21.23
CA LEU C 205 -22.68 17.86 22.67
C LEU C 205 -21.39 18.49 23.20
N GLU C 206 -21.32 18.67 24.52
CA GLU C 206 -20.10 19.19 25.13
C GLU C 206 -19.16 18.06 25.50
N ALA C 207 -17.90 18.41 25.72
CA ALA C 207 -16.82 17.44 25.91
C ALA C 207 -17.07 16.51 27.10
N LYS C 208 -17.59 17.06 28.19
CA LYS C 208 -17.82 16.29 29.41
C LYS C 208 -18.76 15.11 29.18
N ASP C 209 -19.56 15.17 28.12
CA ASP C 209 -20.48 14.07 27.83
C ASP C 209 -19.74 12.82 27.35
N TRP C 210 -18.58 12.96 26.70
CA TRP C 210 -17.84 11.77 26.28
C TRP C 210 -16.52 11.60 27.05
N MET C 211 -16.12 12.57 27.86
CA MET C 211 -14.86 12.42 28.59
C MET C 211 -15.04 11.50 29.81
N LYS C 212 -15.29 10.22 29.52
CA LYS C 212 -15.42 9.18 30.53
C LYS C 212 -14.65 7.93 30.09
N PRO C 213 -14.11 7.17 31.04
CA PRO C 213 -13.29 6.00 30.70
C PRO C 213 -14.15 4.82 30.23
N LEU C 214 -13.51 3.79 29.68
CA LEU C 214 -14.17 2.52 29.36
C LEU C 214 -14.46 1.74 30.64
N ILE C 215 -15.65 1.19 30.75
CA ILE C 215 -16.03 0.49 31.98
C ILE C 215 -16.03 -1.03 31.78
N ARG C 216 -15.11 -1.72 32.44
CA ARG C 216 -14.95 -3.14 32.21
C ARG C 216 -16.15 -3.93 32.72
N GLY C 217 -16.58 -4.93 31.95
CA GLY C 217 -17.72 -5.74 32.30
C GLY C 217 -17.31 -6.92 33.17
N VAL C 218 -17.88 -8.09 32.93
CA VAL C 218 -17.60 -9.23 33.78
C VAL C 218 -17.17 -10.43 32.97
N GLU C 219 -16.08 -11.06 33.41
CA GLU C 219 -15.49 -12.25 32.81
C GLU C 219 -16.41 -13.43 32.73
N THR C 220 -16.49 -14.05 31.56
CA THR C 220 -17.25 -15.29 31.43
C THR C 220 -16.27 -16.42 31.31
N ASN C 221 -16.80 -17.64 31.12
CA ASN C 221 -16.00 -18.86 30.97
C ASN C 221 -15.52 -19.10 29.55
N LEU C 222 -15.95 -18.23 28.64
CA LEU C 222 -15.43 -18.27 27.28
C LEU C 222 -13.95 -17.93 27.29
N VAL C 223 -13.11 -18.89 26.88
CA VAL C 223 -11.68 -18.63 26.75
C VAL C 223 -11.38 -17.98 25.39
N GLU C 224 -10.48 -17.00 25.40
CA GLU C 224 -10.04 -16.41 24.15
C GLU C 224 -8.68 -16.92 23.74
N ILE C 225 -8.57 -17.43 22.52
CA ILE C 225 -7.26 -17.74 21.96
C ILE C 225 -7.00 -16.69 20.88
N PRO C 226 -6.29 -15.61 21.27
CA PRO C 226 -6.31 -14.35 20.54
C PRO C 226 -6.06 -14.46 19.04
N ALA C 227 -6.88 -13.75 18.28
CA ALA C 227 -6.60 -13.42 16.88
C ALA C 227 -5.52 -12.33 16.85
N ASN C 228 -4.81 -12.17 15.73
CA ASN C 228 -3.75 -11.18 15.63
C ASN C 228 -3.54 -10.79 14.17
N TRP C 229 -3.73 -9.51 13.85
CA TRP C 229 -3.55 -9.05 12.47
C TRP C 229 -2.12 -9.30 12.02
N TYR C 230 -1.21 -9.35 12.99
CA TYR C 230 0.21 -9.59 12.70
C TYR C 230 0.55 -11.07 12.52
N LEU C 231 -0.44 -11.93 12.74
CA LEU C 231 -0.31 -13.34 12.44
C LEU C 231 -1.52 -13.83 11.64
N ASP C 232 -1.78 -13.14 10.52
CA ASP C 232 -2.92 -13.43 9.63
C ASP C 232 -2.51 -13.30 8.16
N ASP C 233 -2.48 -14.42 7.44
CA ASP C 233 -1.95 -14.42 6.09
C ASP C 233 -2.78 -13.57 5.12
N LEU C 234 -4.06 -13.34 5.41
CA LEU C 234 -4.92 -12.84 4.35
C LEU C 234 -4.74 -11.35 3.98
N PRO C 235 -4.84 -10.42 4.96
CA PRO C 235 -4.77 -9.01 4.51
C PRO C 235 -3.50 -8.55 3.77
N PRO C 236 -2.27 -8.94 4.21
CA PRO C 236 -1.08 -8.56 3.42
C PRO C 236 -0.92 -9.27 2.07
N MET C 237 -1.42 -10.49 1.94
CA MET C 237 -1.11 -11.31 0.75
C MET C 237 -2.29 -11.77 -0.09
N MET C 238 -3.48 -11.23 0.15
CA MET C 238 -4.57 -11.46 -0.80
C MET C 238 -5.00 -10.14 -1.42
N PHE C 239 -5.09 -10.13 -2.76
CA PHE C 239 -5.47 -8.96 -3.54
C PHE C 239 -6.97 -8.89 -3.73
N ILE C 240 -7.54 -7.74 -3.39
CA ILE C 240 -8.98 -7.55 -3.43
C ILE C 240 -9.32 -6.23 -4.14
N LYS C 241 -9.99 -6.33 -5.28
CA LYS C 241 -10.34 -5.13 -6.05
C LYS C 241 -11.37 -4.26 -5.31
N LYS C 242 -12.30 -4.90 -4.62
CA LYS C 242 -13.43 -4.21 -3.99
C LYS C 242 -13.14 -3.55 -2.62
N SER C 243 -11.94 -3.75 -2.08
CA SER C 243 -11.57 -3.10 -0.83
C SER C 243 -10.46 -2.09 -1.10
N PRO C 244 -10.61 -0.86 -0.57
CA PRO C 244 -9.57 0.17 -0.68
C PRO C 244 -8.41 -0.04 0.32
N ASN C 245 -8.61 -0.87 1.35
CA ASN C 245 -7.50 -1.25 2.22
C ASN C 245 -7.00 -2.67 1.95
N SER C 246 -7.16 -3.09 0.71
CA SER C 246 -6.58 -4.34 0.25
C SER C 246 -5.09 -4.16 0.09
N PHE C 247 -4.34 -5.23 0.28
CA PHE C 247 -2.96 -5.22 -0.17
C PHE C 247 -2.79 -6.38 -1.14
N GLY C 248 -2.03 -7.40 -0.80
CA GLY C 248 -1.93 -8.56 -1.67
C GLY C 248 -0.57 -8.78 -2.26
N PHE C 249 0.25 -7.75 -2.26
CA PHE C 249 1.58 -7.91 -2.83
C PHE C 249 2.68 -7.62 -1.83
N VAL C 250 2.37 -7.69 -0.55
CA VAL C 250 3.44 -7.74 0.45
C VAL C 250 4.19 -9.08 0.28
N SER C 251 5.51 -9.03 0.30
CA SER C 251 6.37 -10.21 0.11
C SER C 251 6.21 -11.29 1.19
N PRO C 252 5.97 -12.56 0.75
CA PRO C 252 5.88 -13.67 1.71
C PRO C 252 7.18 -13.92 2.50
N ARG C 253 8.32 -13.49 1.98
CA ARG C 253 9.54 -13.62 2.74
C ARG C 253 9.60 -12.62 3.89
N ASP C 254 9.09 -11.41 3.66
CA ASP C 254 9.04 -10.45 4.75
C ASP C 254 8.08 -10.88 5.85
N ILE C 255 6.90 -11.30 5.42
CA ILE C 255 5.86 -11.71 6.35
C ILE C 255 6.35 -12.88 7.20
N GLY C 256 6.91 -13.89 6.55
CA GLY C 256 7.47 -15.04 7.24
C GLY C 256 8.55 -14.62 8.23
N GLN C 257 9.43 -13.73 7.81
CA GLN C 257 10.48 -13.22 8.68
C GLN C 257 9.84 -12.49 9.86
N MET C 258 8.78 -11.72 9.59
CA MET C 258 8.07 -11.05 10.66
C MET C 258 7.42 -12.05 11.62
N TRP C 259 6.84 -13.12 11.08
CA TRP C 259 6.22 -14.14 11.91
C TRP C 259 7.25 -14.84 12.80
N ILE C 260 8.41 -15.16 12.21
CA ILE C 260 9.48 -15.80 12.96
C ILE C 260 10.03 -14.85 14.03
N ASP C 261 10.11 -13.55 13.72
CA ASP C 261 10.56 -12.59 14.72
C ASP C 261 9.55 -12.55 15.89
N GLN C 262 8.27 -12.65 15.57
CA GLN C 262 7.26 -12.72 16.62
C GLN C 262 7.50 -13.99 17.45
N PHE C 263 7.84 -15.10 16.79
CA PHE C 263 8.09 -16.33 17.54
C PHE C 263 9.32 -16.22 18.42
N ASP C 264 10.39 -15.64 17.90
CA ASP C 264 11.65 -15.61 18.64
C ASP C 264 11.54 -14.74 19.88
N TRP C 265 10.80 -13.65 19.78
CA TRP C 265 10.63 -12.77 20.93
C TRP C 265 9.82 -13.46 22.01
N VAL C 266 8.73 -14.08 21.60
CA VAL C 266 7.87 -14.86 22.50
C VAL C 266 8.68 -15.96 23.23
N TYR C 267 9.51 -16.66 22.47
CA TYR C 267 10.31 -17.77 23.01
C TYR C 267 11.35 -17.29 24.03
N ARG C 268 11.94 -16.14 23.75
CA ARG C 268 12.98 -15.56 24.61
C ARG C 268 12.40 -14.95 25.90
N GLU C 269 11.14 -14.51 25.87
CA GLU C 269 10.58 -13.76 27.01
C GLU C 269 9.62 -14.56 27.88
N MET C 270 9.07 -15.62 27.33
CA MET C 270 8.00 -16.35 28.00
C MET C 270 8.27 -17.85 28.10
N ASP C 271 7.83 -18.43 29.22
CA ASP C 271 7.96 -19.86 29.48
C ASP C 271 6.73 -20.61 29.02
N TYR C 272 5.58 -20.05 29.32
CA TYR C 272 4.33 -20.55 28.75
C TYR C 272 3.76 -19.51 27.79
N ALA C 273 3.33 -19.97 26.62
CA ALA C 273 2.76 -19.11 25.60
C ALA C 273 1.98 -19.94 24.59
N VAL C 274 0.98 -19.34 23.96
CA VAL C 274 0.36 -19.96 22.79
C VAL C 274 0.63 -19.07 21.59
N PHE C 275 1.15 -19.68 20.52
CA PHE C 275 1.55 -18.97 19.30
C PHE C 275 0.71 -19.53 18.17
N SER C 276 -0.46 -18.91 17.92
CA SER C 276 -1.37 -19.44 16.90
C SER C 276 -1.38 -18.57 15.64
N MET C 277 -1.33 -19.24 14.49
CA MET C 277 -1.30 -18.57 13.21
C MET C 277 -2.61 -18.79 12.46
N THR C 278 -3.22 -17.68 12.04
CA THR C 278 -4.44 -17.78 11.26
C THR C 278 -4.09 -17.75 9.78
N ILE C 279 -4.47 -18.80 9.07
CA ILE C 279 -4.22 -18.87 7.65
C ILE C 279 -5.50 -19.19 6.89
N HIS C 280 -5.39 -19.18 5.57
CA HIS C 280 -6.52 -19.47 4.71
C HIS C 280 -5.97 -20.30 3.56
N PRO C 281 -6.75 -21.30 3.09
CA PRO C 281 -6.31 -22.09 1.92
C PRO C 281 -6.18 -21.16 0.72
N ASP C 282 -7.06 -20.15 0.71
CA ASP C 282 -7.06 -19.05 -0.24
C ASP C 282 -5.66 -18.48 -0.49
N VAL C 283 -4.91 -18.27 0.59
CA VAL C 283 -3.64 -17.55 0.52
C VAL C 283 -2.46 -18.47 0.83
N SER C 284 -2.57 -19.24 1.91
CA SER C 284 -1.43 -20.02 2.41
C SER C 284 -1.20 -21.33 1.63
N ALA C 285 -2.10 -21.64 0.69
CA ALA C 285 -1.89 -22.77 -0.22
C ALA C 285 -1.32 -22.33 -1.58
N ARG C 286 -1.09 -21.02 -1.74
CA ARG C 286 -0.31 -20.54 -2.88
C ARG C 286 1.16 -20.90 -2.67
N PRO C 287 1.79 -21.47 -3.70
CA PRO C 287 3.17 -22.00 -3.62
C PRO C 287 4.15 -21.08 -2.89
N GLN C 288 4.14 -19.78 -3.19
CA GLN C 288 5.10 -18.88 -2.56
C GLN C 288 4.91 -18.82 -1.03
N VAL C 289 3.70 -18.99 -0.52
CA VAL C 289 3.54 -18.96 0.94
C VAL C 289 3.54 -20.39 1.54
N LEU C 290 3.29 -21.42 0.73
CA LEU C 290 3.59 -22.80 1.16
C LEU C 290 5.07 -22.93 1.51
N LEU C 291 5.93 -22.37 0.67
CA LEU C 291 7.34 -22.30 0.98
C LEU C 291 7.56 -21.51 2.27
N MET C 292 6.86 -20.39 2.39
CA MET C 292 7.02 -19.53 3.55
C MET C 292 6.77 -20.30 4.84
N HIS C 293 5.69 -21.08 4.83
CA HIS C 293 5.30 -21.85 6.00
C HIS C 293 6.34 -22.92 6.34
N GLU C 294 6.92 -23.50 5.29
CA GLU C 294 7.98 -24.48 5.49
C GLU C 294 9.15 -23.87 6.25
N LYS C 295 9.55 -22.65 5.91
CA LYS C 295 10.59 -21.97 6.67
C LYS C 295 10.14 -21.76 8.09
N ILE C 296 8.89 -21.35 8.26
CA ILE C 296 8.40 -21.05 9.60
C ILE C 296 8.40 -22.32 10.44
N ILE C 297 7.78 -23.38 9.92
CA ILE C 297 7.69 -24.63 10.65
C ILE C 297 9.07 -25.19 11.00
N GLU C 298 10.01 -25.13 10.05
CA GLU C 298 11.36 -25.64 10.28
C GLU C 298 12.10 -24.82 11.32
N HIS C 299 11.80 -23.53 11.40
CA HIS C 299 12.43 -22.68 12.43
C HIS C 299 11.83 -23.00 13.79
N ILE C 300 10.50 -23.10 13.86
CA ILE C 300 9.81 -23.39 15.11
C ILE C 300 10.27 -24.73 15.62
N ASN C 301 10.50 -25.66 14.71
CA ASN C 301 10.88 -27.01 15.08
C ASN C 301 12.30 -27.12 15.62
N LYS C 302 13.11 -26.07 15.49
CA LYS C 302 14.45 -26.06 16.10
C LYS C 302 14.41 -25.82 17.60
N HIS C 303 13.26 -25.41 18.11
CA HIS C 303 13.13 -25.02 19.51
C HIS C 303 12.57 -26.11 20.44
N GLU C 304 13.16 -26.21 21.63
CA GLU C 304 12.72 -27.14 22.68
C GLU C 304 11.54 -26.53 23.41
N GLY C 305 10.60 -27.35 23.82
CA GLY C 305 9.44 -26.83 24.53
C GLY C 305 8.30 -26.45 23.60
N VAL C 306 8.52 -26.61 22.31
CA VAL C 306 7.44 -26.41 21.36
C VAL C 306 6.54 -27.63 21.39
N ARG C 307 5.23 -27.40 21.31
CA ARG C 307 4.25 -28.45 21.27
C ARG C 307 3.15 -28.06 20.27
N TRP C 308 3.07 -28.77 19.13
CA TRP C 308 2.09 -28.47 18.09
C TRP C 308 0.70 -29.03 18.45
N VAL C 309 -0.32 -28.18 18.42
CA VAL C 309 -1.61 -28.57 18.99
C VAL C 309 -2.80 -28.03 18.21
N THR C 310 -4.00 -28.49 18.59
CA THR C 310 -5.22 -27.88 18.11
C THR C 310 -5.64 -26.75 19.07
N PHE C 311 -6.57 -25.93 18.63
CA PHE C 311 -7.04 -24.83 19.46
C PHE C 311 -7.80 -25.38 20.66
N ASN C 312 -8.55 -26.46 20.45
CA ASN C 312 -9.23 -27.14 21.53
C ASN C 312 -8.26 -27.59 22.62
N GLU C 313 -7.09 -28.08 22.22
CA GLU C 313 -6.09 -28.53 23.18
C GLU C 313 -5.52 -27.37 23.98
N ILE C 314 -5.38 -26.23 23.31
CA ILE C 314 -4.98 -25.01 23.98
C ILE C 314 -6.06 -24.60 24.99
N ALA C 315 -7.31 -24.72 24.58
CA ALA C 315 -8.41 -24.29 25.43
C ALA C 315 -8.47 -25.14 26.70
N ASP C 316 -8.42 -26.46 26.52
CA ASP C 316 -8.42 -27.45 27.58
C ASP C 316 -7.21 -27.27 28.49
N ASP C 317 -6.05 -27.11 27.89
CA ASP C 317 -4.83 -26.85 28.66
C ASP C 317 -4.95 -25.53 29.46
N PHE C 318 -5.57 -24.52 28.86
CA PHE C 318 -5.72 -23.25 29.56
C PHE C 318 -6.76 -23.34 30.69
N LEU C 319 -7.86 -24.05 30.44
CA LEU C 319 -8.90 -24.23 31.45
C LEU C 319 -8.32 -24.94 32.68
N LYS C 320 -7.36 -25.81 32.44
CA LYS C 320 -6.69 -26.52 33.54
C LYS C 320 -5.61 -25.69 34.20
N ARG C 321 -4.93 -24.86 33.42
CA ARG C 321 -3.84 -24.00 33.91
C ARG C 321 -4.27 -22.94 34.93
N ASN C 322 -5.31 -22.18 34.60
CA ASN C 322 -5.94 -21.26 35.55
C ASN C 322 -7.46 -21.15 35.36
N PRO C 323 -8.21 -21.88 36.21
CA PRO C 323 -9.67 -21.93 36.32
C PRO C 323 -10.31 -20.58 36.65
N ARG C 324 -11.62 -20.62 36.91
CA ARG C 324 -12.44 -19.46 37.23
C ARG C 324 -12.65 -18.61 35.98
N ALA D 35 8.52 -37.91 -17.10
CA ALA D 35 9.14 -37.26 -15.95
C ALA D 35 8.70 -35.81 -15.84
N LYS D 36 9.53 -34.89 -16.32
CA LYS D 36 9.26 -33.46 -16.12
C LYS D 36 8.82 -32.77 -17.39
N GLU D 37 7.58 -32.27 -17.37
CA GLU D 37 7.05 -31.54 -18.50
C GLU D 37 6.44 -30.24 -17.97
N ILE D 38 7.26 -29.21 -17.83
CA ILE D 38 6.77 -27.92 -17.35
C ILE D 38 6.60 -26.97 -18.54
N LEU D 39 5.34 -26.65 -18.84
CA LEU D 39 4.99 -25.78 -19.95
C LEU D 39 4.96 -24.34 -19.43
N VAL D 40 5.73 -23.48 -20.10
CA VAL D 40 6.01 -22.11 -19.63
C VAL D 40 5.77 -21.09 -20.74
N ALA D 41 4.99 -20.06 -20.43
CA ALA D 41 4.60 -19.09 -21.44
C ALA D 41 4.50 -17.69 -20.86
N TYR D 42 4.75 -16.71 -21.71
CA TYR D 42 4.41 -15.33 -21.47
C TYR D 42 3.11 -14.97 -22.19
N GLY D 43 2.17 -14.39 -21.45
CA GLY D 43 0.94 -13.88 -22.03
C GLY D 43 1.01 -12.38 -21.89
N VAL D 44 1.15 -11.70 -23.02
CA VAL D 44 1.29 -10.25 -23.04
C VAL D 44 -0.02 -9.59 -23.41
N ASP D 45 -0.67 -8.98 -22.42
CA ASP D 45 -1.91 -8.26 -22.66
C ASP D 45 -1.57 -6.81 -23.04
N ILE D 46 -1.79 -6.45 -24.30
CA ILE D 46 -1.39 -5.11 -24.77
C ILE D 46 -2.43 -4.05 -24.38
N ASP D 47 -2.50 -3.73 -23.07
CA ASP D 47 -3.53 -2.83 -22.55
C ASP D 47 -3.40 -1.44 -23.16
N ALA D 48 -2.19 -0.88 -23.11
CA ALA D 48 -1.86 0.38 -23.77
C ALA D 48 -2.91 1.47 -23.54
N VAL D 49 -3.39 2.08 -24.62
CA VAL D 49 -4.37 3.12 -24.45
C VAL D 49 -5.71 2.53 -24.02
N ALA D 50 -6.02 1.34 -24.54
CA ALA D 50 -7.29 0.68 -24.30
C ALA D 50 -7.54 0.54 -22.80
N GLY D 51 -6.54 0.04 -22.07
CA GLY D 51 -6.62 -0.08 -20.64
C GLY D 51 -7.00 1.20 -19.90
N TRP D 52 -6.51 2.35 -20.37
CA TRP D 52 -6.84 3.61 -19.73
C TRP D 52 -8.24 4.08 -20.07
N LEU D 53 -8.77 3.67 -21.23
CA LEU D 53 -10.14 4.00 -21.61
C LEU D 53 -11.15 3.10 -20.93
N GLY D 54 -10.81 1.81 -20.81
CA GLY D 54 -11.70 0.78 -20.33
C GLY D 54 -11.57 0.41 -18.87
N SER D 55 -10.38 0.51 -18.30
CA SER D 55 -10.16 0.00 -16.95
C SER D 55 -9.60 1.00 -15.94
N TYR D 56 -8.58 1.76 -16.30
CA TYR D 56 -7.77 2.42 -15.29
C TYR D 56 -8.07 3.92 -15.12
N GLY D 57 -9.20 4.37 -15.67
CA GLY D 57 -9.66 5.72 -15.39
C GLY D 57 -8.86 6.86 -16.01
N GLY D 58 -8.23 6.63 -17.15
CA GLY D 58 -7.42 7.68 -17.75
C GLY D 58 -8.06 8.36 -18.96
N GLU D 59 -9.36 8.14 -19.16
CA GLU D 59 -10.02 8.57 -20.39
C GLU D 59 -9.99 10.07 -20.54
N ASP D 60 -9.95 10.78 -19.40
CA ASP D 60 -9.89 12.24 -19.41
C ASP D 60 -8.48 12.68 -19.04
N SER D 61 -7.50 11.82 -19.21
CA SER D 61 -6.15 12.21 -18.84
C SER D 61 -5.15 12.13 -19.99
N PRO D 62 -4.81 13.30 -20.54
CA PRO D 62 -3.72 13.39 -21.51
C PRO D 62 -2.47 12.67 -21.03
N ASP D 63 -2.13 12.79 -19.74
CA ASP D 63 -0.91 12.18 -19.23
C ASP D 63 -0.97 10.63 -19.23
N ASP D 64 -2.08 10.05 -18.78
CA ASP D 64 -2.27 8.60 -18.81
C ASP D 64 -2.28 8.04 -20.25
N ILE D 65 -2.87 8.79 -21.16
CA ILE D 65 -2.94 8.37 -22.56
C ILE D 65 -1.53 8.22 -23.11
N SER D 66 -0.65 9.13 -22.71
CA SER D 66 0.74 9.11 -23.14
C SER D 66 1.44 7.87 -22.59
N ARG D 67 1.04 7.41 -21.40
CA ARG D 67 1.59 6.15 -20.93
C ARG D 67 1.07 5.03 -21.81
N GLY D 68 -0.18 5.15 -22.22
CA GLY D 68 -0.76 4.19 -23.15
C GLY D 68 0.00 4.11 -24.45
N LEU D 69 0.44 5.26 -24.97
CA LEU D 69 1.15 5.26 -26.24
C LEU D 69 2.55 4.75 -26.06
N PHE D 70 3.16 5.07 -24.91
CA PHE D 70 4.46 4.50 -24.61
C PHE D 70 4.42 2.97 -24.71
N ALA D 71 3.37 2.37 -24.15
CA ALA D 71 3.28 0.92 -24.03
C ALA D 71 3.28 0.23 -25.40
N GLY D 72 2.58 0.84 -26.36
CA GLY D 72 2.54 0.33 -27.72
C GLY D 72 3.76 0.70 -28.54
N GLU D 73 4.10 1.99 -28.57
CA GLU D 73 5.17 2.41 -29.46
C GLU D 73 6.54 1.94 -28.98
N VAL D 74 6.80 2.07 -27.69
CA VAL D 74 8.08 1.68 -27.13
C VAL D 74 8.04 0.25 -26.51
N GLY D 75 6.93 -0.12 -25.88
CA GLY D 75 6.90 -1.33 -25.08
C GLY D 75 6.88 -2.65 -25.84
N ILE D 76 6.06 -2.72 -26.89
CA ILE D 76 6.00 -3.93 -27.70
C ILE D 76 7.37 -4.31 -28.28
N PRO D 77 8.07 -3.36 -28.95
CA PRO D 77 9.36 -3.77 -29.50
C PRO D 77 10.38 -4.19 -28.43
N ARG D 78 10.35 -3.58 -27.24
CA ARG D 78 11.32 -3.95 -26.22
C ARG D 78 11.04 -5.36 -25.71
N LEU D 79 9.77 -5.72 -25.59
CA LEU D 79 9.40 -7.08 -25.20
C LEU D 79 9.71 -8.06 -26.33
N LEU D 80 9.63 -7.59 -27.59
CA LEU D 80 10.00 -8.44 -28.73
C LEU D 80 11.52 -8.68 -28.75
N LYS D 81 12.29 -7.64 -28.43
CA LYS D 81 13.73 -7.77 -28.30
C LYS D 81 14.09 -8.72 -27.14
N LEU D 82 13.33 -8.63 -26.04
CA LEU D 82 13.52 -9.54 -24.92
C LEU D 82 13.31 -11.00 -25.27
N PHE D 83 12.18 -11.32 -25.90
CA PHE D 83 11.86 -12.71 -26.26
C PHE D 83 12.83 -13.28 -27.28
N LYS D 84 13.14 -12.49 -28.30
CA LYS D 84 14.06 -12.88 -29.36
C LYS D 84 15.44 -13.25 -28.80
N LYS D 85 15.90 -12.44 -27.84
CA LYS D 85 17.17 -12.68 -27.13
C LYS D 85 17.25 -14.07 -26.49
N TYR D 86 16.14 -14.53 -25.92
CA TYR D 86 16.15 -15.83 -25.29
C TYR D 86 15.44 -16.85 -26.17
N HIS D 87 15.14 -16.43 -27.41
CA HIS D 87 14.51 -17.30 -28.42
C HIS D 87 13.15 -17.81 -27.93
N LEU D 88 12.45 -16.95 -27.20
CA LEU D 88 11.17 -17.35 -26.64
C LEU D 88 10.02 -17.01 -27.59
N PRO D 89 9.05 -17.92 -27.70
CA PRO D 89 7.75 -17.66 -28.32
C PRO D 89 6.85 -16.88 -27.33
N ALA D 90 5.72 -16.34 -27.79
CA ALA D 90 4.77 -15.72 -26.87
C ALA D 90 3.37 -15.57 -27.46
N THR D 91 2.40 -15.30 -26.58
CA THR D 91 1.05 -14.94 -26.99
C THR D 91 0.74 -13.50 -26.58
N TRP D 92 0.23 -12.74 -27.52
CA TRP D 92 -0.12 -11.36 -27.27
C TRP D 92 -1.63 -11.32 -27.30
N PHE D 93 -2.23 -10.95 -26.18
CA PHE D 93 -3.66 -10.75 -26.12
C PHE D 93 -3.87 -9.28 -26.34
N VAL D 94 -4.41 -8.95 -27.51
CA VAL D 94 -4.37 -7.58 -28.01
C VAL D 94 -5.74 -6.99 -28.18
N PRO D 95 -6.04 -5.95 -27.39
CA PRO D 95 -7.25 -5.16 -27.63
C PRO D 95 -7.29 -4.65 -29.07
N GLY D 96 -8.46 -4.75 -29.69
CA GLY D 96 -8.64 -4.20 -31.01
C GLY D 96 -8.19 -2.75 -31.08
N HIS D 97 -8.42 -1.98 -30.02
CA HIS D 97 -7.93 -0.61 -29.96
C HIS D 97 -6.43 -0.54 -30.17
N SER D 98 -5.67 -1.43 -29.53
CA SER D 98 -4.22 -1.50 -29.72
C SER D 98 -3.84 -1.92 -31.15
N ILE D 99 -4.63 -2.80 -31.74
CA ILE D 99 -4.36 -3.25 -33.12
C ILE D 99 -4.39 -2.12 -34.11
N GLU D 100 -5.44 -1.32 -34.07
CA GLU D 100 -5.61 -0.26 -35.05
C GLU D 100 -4.77 0.97 -34.70
N THR D 101 -4.29 1.04 -33.47
CA THR D 101 -3.51 2.20 -33.04
C THR D 101 -2.02 1.94 -33.16
N PHE D 102 -1.63 0.68 -33.09
CA PHE D 102 -0.20 0.39 -33.24
C PHE D 102 0.08 -0.59 -34.37
N PRO D 103 -0.33 -0.24 -35.62
CA PRO D 103 -0.25 -1.23 -36.69
C PRO D 103 1.17 -1.64 -37.00
N GLU D 104 2.11 -0.71 -36.92
CA GLU D 104 3.48 -1.06 -37.27
C GLU D 104 4.08 -2.01 -36.27
N GLN D 105 3.69 -1.91 -35.01
CA GLN D 105 4.21 -2.83 -34.02
C GLN D 105 3.46 -4.15 -34.13
N MET D 106 2.21 -4.11 -34.59
CA MET D 106 1.44 -5.35 -34.83
C MET D 106 2.11 -6.19 -35.89
N LYS D 107 2.61 -5.54 -36.93
CA LYS D 107 3.38 -6.24 -37.95
C LYS D 107 4.61 -6.89 -37.35
N MET D 108 5.25 -6.21 -36.39
CA MET D 108 6.44 -6.77 -35.73
C MET D 108 6.13 -8.01 -34.92
N ILE D 109 4.95 -8.02 -34.29
CA ILE D 109 4.52 -9.17 -33.49
C ILE D 109 4.22 -10.36 -34.40
N VAL D 110 3.51 -10.12 -35.49
CA VAL D 110 3.20 -11.22 -36.40
C VAL D 110 4.49 -11.75 -37.03
N ASP D 111 5.33 -10.88 -37.58
CA ASP D 111 6.50 -11.36 -38.30
C ASP D 111 7.46 -12.10 -37.38
N ALA D 112 7.38 -11.84 -36.07
CA ALA D 112 8.23 -12.58 -35.13
C ALA D 112 7.67 -13.97 -34.97
N GLY D 113 6.50 -14.20 -35.54
CA GLY D 113 5.90 -15.54 -35.58
C GLY D 113 5.12 -15.93 -34.36
N HIS D 114 4.72 -14.93 -33.56
CA HIS D 114 4.01 -15.14 -32.29
C HIS D 114 2.50 -15.30 -32.46
N GLU D 115 1.84 -15.78 -31.40
CA GLU D 115 0.39 -15.97 -31.43
C GLU D 115 -0.37 -14.71 -30.98
N VAL D 116 -1.48 -14.42 -31.66
CA VAL D 116 -2.31 -13.29 -31.34
C VAL D 116 -3.66 -13.75 -30.81
N GLY D 117 -4.02 -13.31 -29.60
CA GLY D 117 -5.33 -13.59 -29.02
C GLY D 117 -6.12 -12.32 -28.79
N ALA D 118 -7.38 -12.45 -28.40
CA ALA D 118 -8.31 -11.31 -28.23
C ALA D 118 -8.30 -10.74 -26.81
N HIS D 119 -8.74 -9.48 -26.67
CA HIS D 119 -8.69 -8.79 -25.38
C HIS D 119 -9.55 -7.54 -25.38
N GLY D 120 -10.78 -7.66 -25.88
CA GLY D 120 -11.74 -6.57 -25.96
C GLY D 120 -11.43 -5.60 -27.07
N TYR D 121 -12.20 -4.50 -27.19
CA TYR D 121 -11.77 -3.45 -28.11
C TYR D 121 -11.06 -2.42 -27.28
N SER D 122 -11.81 -1.67 -26.48
CA SER D 122 -11.22 -0.66 -25.61
C SER D 122 -11.11 -1.22 -24.19
N HIS D 123 -10.67 -2.48 -24.07
CA HIS D 123 -10.40 -3.09 -22.76
C HIS D 123 -11.60 -3.01 -21.84
N GLU D 124 -12.78 -3.27 -22.39
CA GLU D 124 -14.00 -3.07 -21.65
C GLU D 124 -14.32 -4.27 -20.77
N ASN D 125 -14.76 -3.99 -19.55
CA ASN D 125 -15.12 -5.04 -18.61
C ASN D 125 -16.44 -5.68 -19.04
N PRO D 126 -16.40 -7.00 -19.36
CA PRO D 126 -17.56 -7.72 -19.95
C PRO D 126 -18.81 -7.59 -19.11
N ILE D 127 -18.59 -7.52 -17.80
CA ILE D 127 -19.68 -7.50 -16.85
C ILE D 127 -20.38 -6.15 -16.86
N ALA D 128 -19.70 -5.14 -17.40
CA ALA D 128 -20.29 -3.80 -17.53
C ALA D 128 -21.05 -3.65 -18.83
N MET D 129 -20.79 -4.53 -19.78
CA MET D 129 -21.41 -4.46 -21.11
C MET D 129 -22.77 -5.17 -21.21
N SER D 130 -23.60 -4.70 -22.14
CA SER D 130 -24.76 -5.48 -22.55
C SER D 130 -24.35 -6.80 -23.15
N THR D 131 -25.34 -7.65 -23.36
CA THR D 131 -25.15 -8.89 -24.09
C THR D 131 -24.75 -8.55 -25.54
N LYS D 132 -25.42 -7.58 -26.13
CA LYS D 132 -25.12 -7.18 -27.51
C LYS D 132 -23.77 -6.48 -27.64
N GLN D 133 -23.46 -5.60 -26.69
CA GLN D 133 -22.17 -4.93 -26.71
C GLN D 133 -21.02 -5.92 -26.61
N GLU D 134 -21.14 -6.86 -25.68
CA GLU D 134 -20.07 -7.84 -25.49
C GLU D 134 -19.92 -8.73 -26.72
N GLU D 135 -21.04 -9.12 -27.31
CA GLU D 135 -20.99 -9.94 -28.51
C GLU D 135 -20.42 -9.15 -29.70
N ASP D 136 -20.85 -7.90 -29.87
CA ASP D 136 -20.30 -7.01 -30.90
C ASP D 136 -18.80 -6.78 -30.72
N VAL D 137 -18.39 -6.55 -29.47
CA VAL D 137 -16.99 -6.32 -29.16
C VAL D 137 -16.15 -7.53 -29.58
N LEU D 138 -16.70 -8.72 -29.31
CA LEU D 138 -16.02 -9.99 -29.63
C LEU D 138 -15.99 -10.25 -31.15
N LEU D 139 -17.09 -9.97 -31.84
CA LEU D 139 -17.13 -10.10 -33.29
C LEU D 139 -16.07 -9.21 -33.93
N LYS D 140 -15.99 -7.95 -33.49
CA LYS D 140 -14.98 -7.04 -34.03
C LYS D 140 -13.54 -7.53 -33.74
N SER D 141 -13.28 -8.03 -32.54
CA SER D 141 -11.94 -8.52 -32.20
C SER D 141 -11.55 -9.67 -33.13
N VAL D 142 -12.47 -10.61 -33.36
CA VAL D 142 -12.19 -11.73 -34.24
C VAL D 142 -11.87 -11.20 -35.65
N GLU D 143 -12.70 -10.27 -36.10
CA GLU D 143 -12.50 -9.67 -37.42
C GLU D 143 -11.12 -9.04 -37.57
N LEU D 144 -10.71 -8.27 -36.57
CA LEU D 144 -9.43 -7.54 -36.64
C LEU D 144 -8.25 -8.48 -36.61
N ILE D 145 -8.37 -9.53 -35.81
CA ILE D 145 -7.24 -10.42 -35.61
C ILE D 145 -7.07 -11.25 -36.86
N LYS D 146 -8.18 -11.66 -37.47
CA LYS D 146 -8.14 -12.44 -38.71
C LYS D 146 -7.51 -11.65 -39.85
N ASP D 147 -7.95 -10.40 -40.01
CA ASP D 147 -7.37 -9.54 -41.04
C ASP D 147 -5.91 -9.25 -40.78
N LEU D 148 -5.46 -9.40 -39.54
CA LEU D 148 -4.08 -9.06 -39.18
C LEU D 148 -3.14 -10.24 -39.37
N THR D 149 -3.61 -11.42 -38.98
CA THR D 149 -2.79 -12.61 -38.92
C THR D 149 -3.08 -13.62 -40.02
N GLY D 150 -4.31 -13.61 -40.55
CA GLY D 150 -4.71 -14.59 -41.54
C GLY D 150 -5.59 -15.69 -40.98
N LYS D 151 -5.42 -15.98 -39.69
CA LYS D 151 -6.21 -16.99 -39.00
C LYS D 151 -7.01 -16.32 -37.89
N ALA D 152 -8.15 -16.91 -37.55
CA ALA D 152 -8.96 -16.41 -36.44
C ALA D 152 -8.26 -16.70 -35.10
N PRO D 153 -8.51 -15.85 -34.09
CA PRO D 153 -7.86 -16.11 -32.80
C PRO D 153 -8.40 -17.36 -32.13
N THR D 154 -7.56 -18.08 -31.39
CA THR D 154 -8.08 -19.20 -30.62
C THR D 154 -8.10 -18.86 -29.12
N GLY D 155 -7.51 -17.73 -28.77
CA GLY D 155 -7.33 -17.40 -27.35
C GLY D 155 -7.94 -16.10 -26.90
N TYR D 156 -8.39 -16.08 -25.64
CA TYR D 156 -9.06 -14.91 -25.08
C TYR D 156 -8.62 -14.61 -23.65
N VAL D 157 -8.46 -13.32 -23.36
CA VAL D 157 -8.35 -12.85 -21.98
C VAL D 157 -9.40 -11.79 -21.77
N ALA D 158 -10.21 -11.92 -20.72
CA ALA D 158 -11.21 -10.89 -20.44
C ALA D 158 -10.53 -9.67 -19.84
N PRO D 159 -10.84 -8.47 -20.40
CA PRO D 159 -10.25 -7.24 -19.85
C PRO D 159 -10.52 -7.12 -18.36
N TRP D 160 -9.48 -6.87 -17.57
CA TRP D 160 -9.57 -6.80 -16.11
C TRP D 160 -10.05 -8.13 -15.49
N TRP D 161 -10.03 -9.19 -16.29
CA TRP D 161 -10.30 -10.54 -15.80
C TRP D 161 -11.70 -10.76 -15.15
N GLU D 162 -12.77 -10.46 -15.90
CA GLU D 162 -14.14 -10.75 -15.43
C GLU D 162 -15.02 -11.42 -16.51
N PHE D 163 -15.87 -12.34 -16.08
CA PHE D 163 -16.77 -13.08 -16.98
C PHE D 163 -18.23 -12.56 -16.88
N SER D 164 -19.21 -13.34 -17.35
CA SER D 164 -20.65 -12.97 -17.30
C SER D 164 -21.55 -13.98 -18.03
N ASN D 165 -21.30 -14.13 -19.33
CA ASN D 165 -21.90 -15.16 -20.15
C ASN D 165 -20.95 -15.35 -21.34
N ILE D 166 -19.66 -15.27 -21.00
CA ILE D 166 -18.55 -15.29 -21.94
C ILE D 166 -18.30 -16.68 -22.46
N THR D 167 -18.44 -17.66 -21.56
CA THR D 167 -18.19 -19.06 -21.87
C THR D 167 -18.95 -19.38 -23.15
N ASN D 168 -20.24 -19.09 -23.09
CA ASN D 168 -21.16 -19.31 -24.19
C ASN D 168 -20.73 -18.57 -25.46
N GLU D 169 -20.29 -17.32 -25.31
CA GLU D 169 -19.89 -16.51 -26.45
C GLU D 169 -18.55 -16.95 -27.03
N LEU D 170 -17.61 -17.33 -26.17
CA LEU D 170 -16.33 -17.79 -26.67
C LEU D 170 -16.51 -19.06 -27.52
N LEU D 171 -17.31 -20.01 -27.02
CA LEU D 171 -17.58 -21.26 -27.75
C LEU D 171 -18.48 -21.03 -28.97
N LEU D 172 -19.41 -20.09 -28.87
CA LEU D 172 -20.27 -19.76 -30.00
C LEU D 172 -19.48 -19.04 -31.07
N LYS D 173 -18.64 -18.09 -30.66
CA LYS D 173 -17.93 -17.30 -31.66
C LYS D 173 -16.73 -18.05 -32.20
N HIS D 174 -17.01 -19.33 -32.49
CA HIS D 174 -16.11 -20.20 -33.21
C HIS D 174 -14.73 -20.09 -32.63
N GLY D 175 -13.73 -20.29 -33.47
CA GLY D 175 -12.34 -20.20 -33.08
C GLY D 175 -12.08 -20.64 -31.66
N PHE D 176 -12.51 -19.80 -30.72
CA PHE D 176 -11.93 -19.76 -29.37
C PHE D 176 -11.84 -21.11 -28.72
N LYS D 177 -10.59 -21.48 -28.50
CA LYS D 177 -10.22 -22.77 -27.97
C LYS D 177 -10.04 -22.66 -26.45
N TYR D 178 -9.41 -21.56 -26.02
CA TYR D 178 -9.01 -21.38 -24.61
C TYR D 178 -9.24 -19.94 -24.10
N ASP D 179 -9.47 -19.82 -22.79
CA ASP D 179 -9.54 -18.53 -22.09
C ASP D 179 -8.47 -18.48 -21.03
N HIS D 180 -7.97 -17.28 -20.74
CA HIS D 180 -6.90 -17.11 -19.75
C HIS D 180 -7.32 -15.99 -18.77
N SER D 181 -8.51 -16.15 -18.19
CA SER D 181 -9.08 -15.07 -17.36
C SER D 181 -9.49 -15.54 -15.99
N LEU D 182 -9.69 -16.85 -15.82
CA LEU D 182 -10.30 -17.42 -14.62
C LEU D 182 -9.31 -18.08 -13.68
N MET D 183 -9.75 -18.34 -12.44
CA MET D 183 -8.82 -18.74 -11.39
C MET D 183 -9.27 -19.94 -10.53
N HIS D 184 -9.99 -20.90 -11.13
CA HIS D 184 -10.36 -22.13 -10.41
C HIS D 184 -9.10 -22.95 -10.05
N ASN D 185 -8.04 -22.79 -10.82
CA ASN D 185 -6.79 -23.48 -10.52
C ASN D 185 -5.61 -22.58 -10.81
N ASP D 186 -4.41 -23.00 -10.49
CA ASP D 186 -3.30 -22.12 -10.77
C ASP D 186 -2.37 -22.79 -11.78
N PHE D 187 -1.87 -23.98 -11.50
CA PHE D 187 -0.85 -24.51 -12.40
C PHE D 187 -1.26 -25.78 -13.14
N THR D 188 -2.56 -25.91 -13.39
CA THR D 188 -3.10 -26.96 -14.24
C THR D 188 -4.28 -26.40 -15.03
N PRO D 189 -4.29 -26.63 -16.35
CA PRO D 189 -5.47 -26.25 -17.13
C PRO D 189 -6.67 -27.10 -16.72
N TYR D 190 -7.86 -26.68 -17.16
CA TYR D 190 -9.07 -27.42 -16.90
C TYR D 190 -10.13 -26.94 -17.89
N TYR D 191 -11.23 -27.67 -17.97
CA TYR D 191 -12.36 -27.30 -18.80
C TYR D 191 -13.32 -26.48 -17.97
N VAL D 192 -13.76 -25.36 -18.53
CA VAL D 192 -14.54 -24.37 -17.79
C VAL D 192 -16.00 -24.78 -17.63
N ARG D 193 -16.51 -24.70 -16.40
CA ARG D 193 -17.90 -25.01 -16.14
C ARG D 193 -18.80 -23.81 -16.44
N VAL D 194 -19.92 -24.09 -17.11
CA VAL D 194 -20.93 -23.08 -17.31
C VAL D 194 -22.06 -23.37 -16.34
N GLY D 195 -22.77 -22.32 -15.92
CA GLY D 195 -23.97 -22.48 -15.12
C GLY D 195 -23.80 -22.59 -13.62
N ASP D 196 -22.59 -22.36 -13.10
CA ASP D 196 -22.42 -22.32 -11.65
C ASP D 196 -23.38 -21.28 -11.08
N SER D 197 -24.01 -21.59 -9.95
CA SER D 197 -24.81 -20.58 -9.25
C SER D 197 -24.54 -20.63 -7.75
N TRP D 198 -24.95 -19.58 -7.06
CA TRP D 198 -24.78 -19.44 -5.62
C TRP D 198 -25.81 -18.44 -5.10
N SER D 199 -26.10 -18.49 -3.79
CA SER D 199 -27.07 -17.58 -3.19
C SER D 199 -26.39 -16.41 -2.50
N LYS D 200 -26.72 -15.18 -2.89
CA LYS D 200 -26.18 -13.98 -2.24
C LYS D 200 -26.77 -13.70 -0.87
N ILE D 201 -25.99 -13.08 0.00
CA ILE D 201 -26.49 -12.63 1.28
C ILE D 201 -27.38 -11.39 1.15
N ASP D 202 -28.62 -11.50 1.65
CA ASP D 202 -29.55 -10.38 1.76
C ASP D 202 -29.99 -10.25 3.21
N TYR D 203 -29.52 -9.23 3.90
CA TYR D 203 -29.80 -9.07 5.32
C TYR D 203 -31.25 -8.65 5.63
N SER D 204 -32.05 -8.40 4.59
CA SER D 204 -33.46 -8.07 4.76
C SER D 204 -34.32 -9.32 4.86
N LEU D 205 -33.71 -10.48 4.62
CA LEU D 205 -34.42 -11.75 4.73
C LEU D 205 -33.85 -12.50 5.92
N GLU D 206 -34.35 -13.72 6.15
CA GLU D 206 -33.83 -14.55 7.22
C GLU D 206 -32.66 -15.38 6.70
N ALA D 207 -31.88 -15.90 7.63
CA ALA D 207 -30.64 -16.56 7.29
C ALA D 207 -30.84 -17.78 6.39
N LYS D 208 -31.89 -18.56 6.65
CA LYS D 208 -32.15 -19.77 5.88
C LYS D 208 -32.34 -19.47 4.39
N ASP D 209 -32.69 -18.23 4.06
CA ASP D 209 -32.88 -17.87 2.65
C ASP D 209 -31.57 -17.88 1.87
N TRP D 210 -30.47 -17.58 2.55
CA TRP D 210 -29.19 -17.58 1.84
C TRP D 210 -28.21 -18.66 2.29
N MET D 211 -28.54 -19.36 3.38
CA MET D 211 -27.65 -20.41 3.88
C MET D 211 -27.80 -21.67 3.02
N LYS D 212 -27.29 -21.56 1.80
CA LYS D 212 -27.24 -22.63 0.81
C LYS D 212 -25.88 -22.59 0.11
N PRO D 213 -25.37 -23.74 -0.32
CA PRO D 213 -24.04 -23.82 -0.96
C PRO D 213 -24.05 -23.33 -2.42
N LEU D 214 -22.86 -23.20 -2.99
CA LEU D 214 -22.73 -22.97 -4.43
C LEU D 214 -23.07 -24.27 -5.15
N ILE D 215 -23.81 -24.16 -6.25
CA ILE D 215 -24.20 -25.34 -7.02
C ILE D 215 -23.42 -25.38 -8.33
N ARG D 216 -22.54 -26.37 -8.46
CA ARG D 216 -21.68 -26.45 -9.62
C ARG D 216 -22.54 -26.71 -10.85
N GLY D 217 -22.18 -26.08 -11.96
CA GLY D 217 -22.85 -26.28 -13.22
C GLY D 217 -22.16 -27.41 -13.95
N VAL D 218 -21.97 -27.24 -15.25
CA VAL D 218 -21.45 -28.30 -16.09
C VAL D 218 -20.25 -27.89 -16.96
N GLU D 219 -19.25 -28.76 -17.05
CA GLU D 219 -18.07 -28.57 -17.89
C GLU D 219 -18.37 -28.36 -19.38
N THR D 220 -17.73 -27.34 -19.96
CA THR D 220 -17.81 -27.10 -21.40
C THR D 220 -16.49 -27.46 -22.03
N ASN D 221 -16.35 -27.24 -23.35
CA ASN D 221 -15.10 -27.47 -24.05
C ASN D 221 -14.09 -26.33 -23.97
N LEU D 222 -14.48 -25.20 -23.40
CA LEU D 222 -13.51 -24.12 -23.22
C LEU D 222 -12.39 -24.54 -22.24
N VAL D 223 -11.16 -24.64 -22.70
CA VAL D 223 -10.08 -24.92 -21.77
C VAL D 223 -9.62 -23.62 -21.10
N GLU D 224 -9.39 -23.68 -19.79
CA GLU D 224 -8.84 -22.54 -19.10
C GLU D 224 -7.37 -22.74 -18.89
N ILE D 225 -6.60 -21.74 -19.28
CA ILE D 225 -5.20 -21.64 -18.89
C ILE D 225 -5.23 -20.49 -17.89
N PRO D 226 -5.29 -20.84 -16.60
CA PRO D 226 -5.67 -19.90 -15.53
C PRO D 226 -4.88 -18.60 -15.47
N ALA D 227 -5.62 -17.51 -15.28
CA ALA D 227 -5.06 -16.23 -14.85
C ALA D 227 -4.63 -16.34 -13.38
N ASN D 228 -3.77 -15.44 -12.92
CA ASN D 228 -3.32 -15.49 -11.54
C ASN D 228 -2.79 -14.13 -11.07
N TRP D 229 -3.44 -13.53 -10.08
CA TRP D 229 -3.02 -12.24 -9.57
C TRP D 229 -1.57 -12.24 -9.07
N TYR D 230 -1.09 -13.40 -8.64
CA TYR D 230 0.29 -13.56 -8.18
C TYR D 230 1.31 -13.75 -9.32
N LEU D 231 0.80 -13.88 -10.55
CA LEU D 231 1.65 -13.91 -11.74
C LEU D 231 1.12 -12.86 -12.71
N ASP D 232 1.02 -11.64 -12.20
CA ASP D 232 0.48 -10.54 -12.98
C ASP D 232 1.32 -9.32 -12.66
N ASP D 233 2.02 -8.81 -13.67
CA ASP D 233 2.95 -7.70 -13.46
C ASP D 233 2.26 -6.38 -13.07
N LEU D 234 1.00 -6.20 -13.44
CA LEU D 234 0.41 -4.87 -13.42
C LEU D 234 -0.04 -4.34 -12.02
N PRO D 235 -0.86 -5.10 -11.28
CA PRO D 235 -1.29 -4.49 -10.01
C PRO D 235 -0.16 -4.08 -9.03
N PRO D 236 0.88 -4.91 -8.85
CA PRO D 236 1.90 -4.39 -7.95
C PRO D 236 2.77 -3.24 -8.50
N MET D 237 2.99 -3.17 -9.82
CA MET D 237 4.01 -2.24 -10.33
C MET D 237 3.55 -1.18 -11.33
N MET D 238 2.24 -0.96 -11.48
CA MET D 238 1.78 0.22 -12.23
C MET D 238 0.96 1.18 -11.36
N PHE D 239 1.35 2.45 -11.36
CA PHE D 239 0.73 3.47 -10.53
C PHE D 239 -0.49 4.10 -11.19
N ILE D 240 -1.63 4.09 -10.50
CA ILE D 240 -2.87 4.58 -11.06
C ILE D 240 -3.54 5.54 -10.08
N LYS D 241 -3.57 6.82 -10.43
CA LYS D 241 -4.12 7.84 -9.55
C LYS D 241 -5.61 7.63 -9.31
N LYS D 242 -6.29 7.09 -10.31
CA LYS D 242 -7.75 6.93 -10.24
C LYS D 242 -8.18 5.71 -9.42
N SER D 243 -7.22 4.89 -8.98
CA SER D 243 -7.56 3.69 -8.22
C SER D 243 -7.18 3.79 -6.75
N PRO D 244 -8.12 3.43 -5.87
CA PRO D 244 -7.87 3.36 -4.43
C PRO D 244 -7.13 2.07 -4.11
N ASN D 245 -7.17 1.14 -5.06
CA ASN D 245 -6.47 -0.12 -4.91
C ASN D 245 -5.23 -0.20 -5.79
N SER D 246 -4.72 0.95 -6.18
CA SER D 246 -3.49 1.00 -6.94
C SER D 246 -2.28 0.75 -6.05
N PHE D 247 -1.23 0.16 -6.63
CA PHE D 247 0.07 0.15 -5.99
C PHE D 247 1.04 0.80 -6.96
N GLY D 248 1.98 0.04 -7.52
CA GLY D 248 2.89 0.61 -8.51
C GLY D 248 4.33 0.67 -8.04
N PHE D 249 4.54 0.67 -6.72
CA PHE D 249 5.91 0.81 -6.22
C PHE D 249 6.35 -0.38 -5.38
N VAL D 250 5.68 -1.52 -5.55
CA VAL D 250 6.22 -2.77 -5.04
C VAL D 250 7.50 -3.07 -5.83
N SER D 251 8.55 -3.44 -5.12
CA SER D 251 9.85 -3.76 -5.71
C SER D 251 9.84 -4.90 -6.74
N PRO D 252 10.35 -4.63 -7.95
CA PRO D 252 10.46 -5.66 -9.01
C PRO D 252 11.38 -6.81 -8.62
N ARG D 253 12.31 -6.59 -7.69
CA ARG D 253 13.13 -7.70 -7.22
C ARG D 253 12.31 -8.62 -6.30
N ASP D 254 11.44 -8.04 -5.49
CA ASP D 254 10.57 -8.84 -4.64
C ASP D 254 9.55 -9.64 -5.48
N ILE D 255 8.96 -8.98 -6.46
CA ILE D 255 8.02 -9.64 -7.35
C ILE D 255 8.75 -10.78 -8.12
N GLY D 256 9.91 -10.48 -8.69
CA GLY D 256 10.71 -11.49 -9.38
C GLY D 256 11.05 -12.67 -8.47
N GLN D 257 11.40 -12.36 -7.22
CA GLN D 257 11.71 -13.40 -6.25
C GLN D 257 10.46 -14.22 -5.95
N MET D 258 9.33 -13.54 -5.81
CA MET D 258 8.09 -14.27 -5.56
C MET D 258 7.72 -15.15 -6.75
N TRP D 259 7.93 -14.67 -7.98
CA TRP D 259 7.65 -15.50 -9.17
C TRP D 259 8.57 -16.74 -9.26
N ILE D 260 9.85 -16.58 -8.90
CA ILE D 260 10.80 -17.69 -8.90
C ILE D 260 10.49 -18.71 -7.78
N ASP D 261 9.99 -18.25 -6.65
CA ASP D 261 9.56 -19.15 -5.60
C ASP D 261 8.39 -20.00 -6.07
N GLN D 262 7.47 -19.40 -6.83
CA GLN D 262 6.35 -20.15 -7.37
C GLN D 262 6.79 -21.22 -8.34
N PHE D 263 7.74 -20.85 -9.21
CA PHE D 263 8.27 -21.79 -10.19
C PHE D 263 8.97 -22.92 -9.47
N ASP D 264 9.72 -22.58 -8.42
CA ASP D 264 10.52 -23.57 -7.72
C ASP D 264 9.66 -24.60 -6.99
N TRP D 265 8.53 -24.16 -6.43
CA TRP D 265 7.59 -25.07 -5.76
C TRP D 265 6.89 -25.96 -6.79
N VAL D 266 6.38 -25.35 -7.84
CA VAL D 266 5.74 -26.10 -8.90
C VAL D 266 6.68 -27.18 -9.45
N TYR D 267 7.94 -26.80 -9.69
CA TYR D 267 8.89 -27.74 -10.25
C TYR D 267 9.17 -28.87 -9.25
N ARG D 268 9.24 -28.53 -7.97
CA ARG D 268 9.55 -29.53 -6.95
C ARG D 268 8.34 -30.46 -6.75
N GLU D 269 7.14 -29.91 -6.93
CA GLU D 269 5.93 -30.63 -6.56
C GLU D 269 5.19 -31.29 -7.71
N MET D 270 5.42 -30.84 -8.94
CA MET D 270 4.57 -31.34 -10.04
C MET D 270 5.35 -31.88 -11.23
N ASP D 271 4.76 -32.89 -11.87
CA ASP D 271 5.38 -33.52 -13.00
C ASP D 271 4.92 -32.85 -14.26
N TYR D 272 3.62 -32.63 -14.37
CA TYR D 272 3.04 -31.80 -15.43
C TYR D 272 2.46 -30.53 -14.82
N ALA D 273 2.77 -29.39 -15.44
CA ALA D 273 2.27 -28.13 -14.95
C ALA D 273 2.34 -27.09 -16.04
N VAL D 274 1.45 -26.11 -16.03
CA VAL D 274 1.63 -24.96 -16.90
C VAL D 274 1.92 -23.73 -16.03
N PHE D 275 2.98 -23.02 -16.38
CA PHE D 275 3.42 -21.90 -15.58
C PHE D 275 3.38 -20.68 -16.47
N SER D 276 2.21 -20.02 -16.55
CA SER D 276 2.06 -18.90 -17.48
C SER D 276 2.05 -17.57 -16.76
N MET D 277 2.82 -16.64 -17.29
CA MET D 277 2.99 -15.33 -16.69
C MET D 277 2.27 -14.28 -17.50
N THR D 278 1.46 -13.46 -16.83
CA THR D 278 0.77 -12.37 -17.52
C THR D 278 1.57 -11.07 -17.41
N ILE D 279 1.94 -10.48 -18.55
CA ILE D 279 2.67 -9.21 -18.49
C ILE D 279 2.02 -8.15 -19.40
N HIS D 280 2.52 -6.93 -19.27
CA HIS D 280 2.02 -5.80 -20.06
C HIS D 280 3.21 -4.98 -20.49
N PRO D 281 3.20 -4.52 -21.77
CA PRO D 281 4.30 -3.65 -22.23
C PRO D 281 4.32 -2.40 -21.37
N ASP D 282 3.12 -2.01 -20.96
CA ASP D 282 2.91 -0.93 -20.02
C ASP D 282 3.90 -1.02 -18.81
N VAL D 283 4.09 -2.24 -18.29
CA VAL D 283 4.85 -2.47 -17.05
C VAL D 283 6.16 -3.19 -17.30
N SER D 284 6.09 -4.31 -18.02
CA SER D 284 7.24 -5.19 -18.19
C SER D 284 8.22 -4.73 -19.29
N ALA D 285 7.92 -3.64 -19.98
CA ALA D 285 8.92 -3.06 -20.90
C ALA D 285 9.66 -1.95 -20.23
N ARG D 286 9.35 -1.73 -18.94
CA ARG D 286 10.15 -0.83 -18.11
C ARG D 286 11.45 -1.51 -17.73
N PRO D 287 12.56 -0.80 -17.92
CA PRO D 287 13.92 -1.32 -17.69
C PRO D 287 14.07 -2.09 -16.36
N GLN D 288 13.54 -1.59 -15.24
CA GLN D 288 13.69 -2.33 -14.00
C GLN D 288 12.96 -3.69 -14.08
N VAL D 289 11.89 -3.77 -14.87
CA VAL D 289 11.18 -5.03 -14.97
C VAL D 289 11.69 -5.95 -16.08
N LEU D 290 12.29 -5.38 -17.13
CA LEU D 290 13.01 -6.23 -18.09
C LEU D 290 14.13 -7.00 -17.38
N LEU D 291 14.86 -6.32 -16.51
CA LEU D 291 15.91 -6.96 -15.73
C LEU D 291 15.35 -8.08 -14.91
N MET D 292 14.21 -7.82 -14.27
CA MET D 292 13.53 -8.82 -13.45
C MET D 292 13.24 -10.06 -14.29
N HIS D 293 12.70 -9.84 -15.48
CA HIS D 293 12.35 -10.97 -16.33
C HIS D 293 13.57 -11.78 -16.78
N GLU D 294 14.67 -11.09 -17.06
CA GLU D 294 15.90 -11.78 -17.44
C GLU D 294 16.30 -12.73 -16.33
N LYS D 295 16.19 -12.28 -15.08
CA LYS D 295 16.54 -13.12 -13.94
C LYS D 295 15.61 -14.30 -13.89
N ILE D 296 14.34 -14.05 -14.17
CA ILE D 296 13.31 -15.10 -14.13
C ILE D 296 13.55 -16.12 -15.23
N ILE D 297 13.68 -15.61 -16.46
CA ILE D 297 13.89 -16.50 -17.60
C ILE D 297 15.15 -17.35 -17.40
N GLU D 298 16.24 -16.73 -16.96
CA GLU D 298 17.52 -17.43 -16.79
C GLU D 298 17.48 -18.50 -15.71
N HIS D 299 16.67 -18.26 -14.69
CA HIS D 299 16.48 -19.22 -13.63
C HIS D 299 15.70 -20.43 -14.12
N ILE D 300 14.62 -20.16 -14.86
CA ILE D 300 13.78 -21.19 -15.45
C ILE D 300 14.56 -22.07 -16.44
N ASN D 301 15.48 -21.45 -17.20
CA ASN D 301 16.23 -22.19 -18.23
C ASN D 301 17.27 -23.17 -17.66
N LYS D 302 17.57 -23.06 -16.37
CA LYS D 302 18.50 -23.99 -15.73
C LYS D 302 17.83 -25.34 -15.46
N HIS D 303 16.50 -25.35 -15.49
CA HIS D 303 15.77 -26.55 -15.07
C HIS D 303 15.47 -27.39 -16.30
N GLU D 304 15.65 -28.69 -16.17
CA GLU D 304 15.33 -29.64 -17.23
C GLU D 304 13.85 -29.94 -17.23
N GLY D 305 13.31 -30.17 -18.43
CA GLY D 305 11.91 -30.47 -18.60
C GLY D 305 11.06 -29.24 -18.86
N VAL D 306 11.68 -28.07 -18.87
CA VAL D 306 10.96 -26.84 -19.21
C VAL D 306 10.75 -26.77 -20.72
N ARG D 307 9.56 -26.35 -21.17
CA ARG D 307 9.27 -26.18 -22.59
C ARG D 307 8.50 -24.89 -22.84
N TRP D 308 9.15 -23.90 -23.45
CA TRP D 308 8.54 -22.60 -23.70
C TRP D 308 7.60 -22.73 -24.87
N VAL D 309 6.37 -22.28 -24.71
CA VAL D 309 5.33 -22.53 -25.70
C VAL D 309 4.41 -21.34 -25.74
N THR D 310 3.54 -21.30 -26.75
CA THR D 310 2.46 -20.33 -26.86
C THR D 310 1.29 -20.84 -26.04
N PHE D 311 0.26 -20.02 -25.85
CA PHE D 311 -0.90 -20.51 -25.10
C PHE D 311 -1.65 -21.55 -25.94
N ASN D 312 -1.71 -21.30 -27.24
CA ASN D 312 -2.32 -22.24 -28.16
C ASN D 312 -1.68 -23.64 -28.11
N GLU D 313 -0.37 -23.70 -27.96
CA GLU D 313 0.31 -24.97 -27.86
C GLU D 313 -0.04 -25.62 -26.51
N ILE D 314 -0.17 -24.81 -25.45
CA ILE D 314 -0.61 -25.35 -24.15
C ILE D 314 -2.00 -25.93 -24.25
N ALA D 315 -2.89 -25.19 -24.92
CA ALA D 315 -4.27 -25.62 -25.03
C ALA D 315 -4.39 -26.94 -25.79
N ASP D 316 -3.69 -27.04 -26.92
CA ASP D 316 -3.66 -28.26 -27.73
C ASP D 316 -3.08 -29.42 -26.98
N ASP D 317 -1.95 -29.18 -26.31
CA ASP D 317 -1.33 -30.20 -25.49
C ASP D 317 -2.30 -30.67 -24.44
N PHE D 318 -3.07 -29.74 -23.87
CA PHE D 318 -3.99 -30.12 -22.81
C PHE D 318 -5.13 -30.94 -23.37
N LEU D 319 -5.65 -30.52 -24.52
CA LEU D 319 -6.75 -31.24 -25.16
C LEU D 319 -6.31 -32.66 -25.51
N LYS D 320 -5.05 -32.82 -25.88
CA LYS D 320 -4.55 -34.14 -26.24
C LYS D 320 -4.23 -34.95 -24.98
N ARG D 321 -3.82 -34.25 -23.92
CA ARG D 321 -3.46 -34.86 -22.65
C ARG D 321 -4.66 -35.53 -21.99
N ASN D 322 -5.80 -34.84 -21.90
CA ASN D 322 -7.04 -35.50 -21.47
C ASN D 322 -8.29 -34.97 -22.18
N PRO D 323 -8.78 -35.72 -23.18
CA PRO D 323 -10.04 -35.37 -23.85
C PRO D 323 -11.23 -35.40 -22.89
N ARG D 324 -12.43 -35.14 -23.43
CA ARG D 324 -13.69 -35.04 -22.68
C ARG D 324 -13.74 -33.75 -21.86
ZN ZN E . -2.07 9.67 19.37
ZN ZN F . 4.87 19.37 -8.43
ZN ZN G . -12.70 -15.82 7.69
ZN ZN H . -5.68 -6.20 -20.04
#